data_2KMU
#
_entry.id   2KMU
#
_entity_poly.entity_id   1
_entity_poly.type   'polypeptide(L)'
_entity_poly.pdbx_seq_one_letter_code
;GSMERLRDVRERLQAWERAFRRQRGRRPSQDDVEAAPEETRALYREYRTLKRTTGQ
;
_entity_poly.pdbx_strand_id   A
#
# COMPACT_ATOMS: atom_id res chain seq x y z
N GLY A 1 -5.33 -5.11 21.19
CA GLY A 1 -5.52 -6.41 20.56
C GLY A 1 -4.35 -6.80 19.68
N SER A 2 -4.48 -6.55 18.38
CA SER A 2 -3.44 -6.88 17.43
C SER A 2 -2.43 -5.74 17.29
N MET A 3 -1.43 -5.72 18.16
CA MET A 3 -0.42 -4.68 18.14
C MET A 3 0.63 -4.97 17.07
N GLU A 4 1.00 -6.24 16.94
CA GLU A 4 2.00 -6.65 15.96
C GLU A 4 1.48 -6.44 14.54
N ARG A 5 0.24 -6.87 14.30
CA ARG A 5 -0.38 -6.75 12.99
C ARG A 5 -0.62 -5.27 12.64
N LEU A 6 -1.23 -4.55 13.57
CA LEU A 6 -1.53 -3.14 13.36
C LEU A 6 -0.25 -2.35 13.13
N ARG A 7 0.79 -2.66 13.90
CA ARG A 7 2.07 -1.97 13.77
C ARG A 7 2.70 -2.26 12.42
N ASP A 8 2.74 -3.53 12.04
CA ASP A 8 3.31 -3.93 10.76
C ASP A 8 2.53 -3.34 9.60
N VAL A 9 1.21 -3.47 9.64
CA VAL A 9 0.35 -2.95 8.59
C VAL A 9 0.45 -1.43 8.50
N ARG A 10 0.24 -0.77 9.64
CA ARG A 10 0.32 0.69 9.70
C ARG A 10 1.63 1.20 9.12
N GLU A 11 2.73 0.60 9.57
CA GLU A 11 4.06 0.99 9.09
C GLU A 11 4.23 0.67 7.62
N ARG A 12 3.77 -0.52 7.21
CA ARG A 12 3.86 -0.96 5.83
C ARG A 12 3.12 0.01 4.91
N LEU A 13 1.92 0.38 5.29
CA LEU A 13 1.10 1.30 4.49
C LEU A 13 1.75 2.68 4.42
N GLN A 14 2.14 3.22 5.58
CA GLN A 14 2.77 4.53 5.64
C GLN A 14 3.96 4.60 4.68
N ALA A 15 4.97 3.78 4.94
CA ALA A 15 6.17 3.75 4.11
C ALA A 15 5.81 3.50 2.65
N TRP A 16 4.87 2.58 2.43
CA TRP A 16 4.44 2.24 1.07
C TRP A 16 4.05 3.50 0.30
N GLU A 17 2.88 4.05 0.61
CA GLU A 17 2.39 5.24 -0.05
C GLU A 17 3.44 6.34 -0.03
N ARG A 18 4.25 6.37 1.04
CA ARG A 18 5.29 7.37 1.18
C ARG A 18 6.21 7.37 -0.04
N ALA A 19 7.07 6.36 -0.12
CA ALA A 19 8.01 6.25 -1.23
C ALA A 19 7.27 6.04 -2.55
N PHE A 20 6.13 5.36 -2.48
CA PHE A 20 5.34 5.09 -3.68
C PHE A 20 5.04 6.38 -4.44
N ARG A 21 4.27 7.27 -3.81
CA ARG A 21 3.93 8.54 -4.43
C ARG A 21 5.15 9.45 -4.54
N ARG A 22 6.23 9.07 -3.86
CA ARG A 22 7.46 9.84 -3.89
C ARG A 22 8.20 9.65 -5.21
N GLN A 23 8.37 8.40 -5.60
CA GLN A 23 9.07 8.07 -6.85
C GLN A 23 8.07 7.83 -7.98
N ARG A 24 7.08 6.99 -7.72
CA ARG A 24 6.07 6.68 -8.73
C ARG A 24 5.23 7.92 -9.06
N GLY A 25 4.86 8.67 -8.04
CA GLY A 25 4.07 9.86 -8.23
C GLY A 25 2.85 9.61 -9.10
N ARG A 26 2.29 8.42 -8.99
CA ARG A 26 1.11 8.05 -9.77
C ARG A 26 0.72 6.60 -9.51
N ARG A 27 -0.42 6.19 -10.06
CA ARG A 27 -0.91 4.83 -9.90
C ARG A 27 0.21 3.82 -10.17
N PRO A 28 0.25 2.75 -9.36
CA PRO A 28 1.25 1.69 -9.50
C PRO A 28 1.05 0.86 -10.76
N SER A 29 1.98 -0.06 -11.00
CA SER A 29 1.91 -0.92 -12.18
C SER A 29 1.94 -2.40 -11.79
N GLN A 30 1.53 -3.26 -12.71
CA GLN A 30 1.52 -4.70 -12.45
C GLN A 30 2.91 -5.20 -12.07
N ASP A 31 3.93 -4.44 -12.44
CA ASP A 31 5.32 -4.80 -12.15
C ASP A 31 5.60 -4.65 -10.66
N ASP A 32 5.21 -3.51 -10.09
CA ASP A 32 5.42 -3.24 -8.68
C ASP A 32 4.34 -3.92 -7.83
N VAL A 33 3.13 -4.00 -8.38
CA VAL A 33 2.02 -4.62 -7.67
C VAL A 33 2.22 -6.13 -7.52
N GLU A 34 2.59 -6.78 -8.63
CA GLU A 34 2.82 -8.21 -8.62
C GLU A 34 4.15 -8.55 -7.96
N ALA A 35 4.96 -7.53 -7.70
CA ALA A 35 6.25 -7.71 -7.07
C ALA A 35 6.11 -8.02 -5.59
N ALA A 36 5.04 -7.51 -4.98
CA ALA A 36 4.78 -7.73 -3.56
C ALA A 36 4.03 -9.03 -3.34
N PRO A 37 4.08 -9.53 -2.10
CA PRO A 37 3.40 -10.79 -1.73
C PRO A 37 1.88 -10.65 -1.73
N GLU A 38 1.20 -11.74 -1.44
CA GLU A 38 -0.27 -11.75 -1.41
C GLU A 38 -0.78 -10.77 -0.35
N GLU A 39 -0.39 -10.99 0.90
CA GLU A 39 -0.81 -10.13 2.00
C GLU A 39 -0.58 -8.66 1.66
N THR A 40 0.68 -8.31 1.37
CA THR A 40 1.03 -6.94 1.04
C THR A 40 0.21 -6.44 -0.15
N ARG A 41 0.08 -7.26 -1.18
CA ARG A 41 -0.68 -6.90 -2.36
C ARG A 41 -2.09 -6.43 -1.98
N ALA A 42 -2.73 -7.19 -1.11
CA ALA A 42 -4.09 -6.86 -0.66
C ALA A 42 -4.10 -5.55 0.10
N LEU A 43 -3.16 -5.39 1.02
CA LEU A 43 -3.07 -4.17 1.82
C LEU A 43 -2.85 -2.95 0.94
N TYR A 44 -1.87 -3.04 0.04
CA TYR A 44 -1.57 -1.94 -0.86
C TYR A 44 -2.76 -1.63 -1.76
N ARG A 45 -3.25 -2.65 -2.46
CA ARG A 45 -4.39 -2.48 -3.35
C ARG A 45 -5.62 -2.00 -2.59
N GLU A 46 -5.66 -2.31 -1.29
CA GLU A 46 -6.79 -1.90 -0.46
C GLU A 46 -6.78 -0.40 -0.22
N TYR A 47 -5.70 0.10 0.37
CA TYR A 47 -5.57 1.52 0.66
C TYR A 47 -5.42 2.32 -0.64
N ARG A 48 -4.91 1.67 -1.67
CA ARG A 48 -4.72 2.33 -2.96
C ARG A 48 -6.05 2.49 -3.69
N THR A 49 -6.88 1.45 -3.65
CA THR A 49 -8.19 1.50 -4.30
C THR A 49 -9.15 2.39 -3.54
N LEU A 50 -9.05 2.38 -2.22
CA LEU A 50 -9.92 3.20 -1.38
C LEU A 50 -9.53 4.67 -1.47
N LYS A 51 -8.23 4.93 -1.45
CA LYS A 51 -7.72 6.30 -1.51
C LYS A 51 -7.93 6.88 -2.91
N ARG A 52 -7.70 6.07 -3.93
CA ARG A 52 -7.86 6.50 -5.31
C ARG A 52 -9.33 6.74 -5.64
N THR A 53 -10.17 5.75 -5.29
CA THR A 53 -11.60 5.85 -5.55
C THR A 53 -12.23 7.00 -4.76
N THR A 54 -12.01 6.99 -3.44
CA THR A 54 -12.55 8.02 -2.57
C THR A 54 -11.94 9.38 -2.89
N GLY A 55 -10.62 9.48 -2.79
CA GLY A 55 -9.94 10.73 -3.07
C GLY A 55 -9.56 11.49 -1.81
N GLN A 56 -9.51 10.77 -0.68
CA GLN A 56 -9.17 11.39 0.59
C GLN A 56 -7.67 11.34 0.82
N GLY A 1 -0.36 -9.68 21.43
CA GLY A 1 0.52 -8.89 20.60
C GLY A 1 -0.21 -8.20 19.46
N SER A 2 -1.49 -7.91 19.67
CA SER A 2 -2.31 -7.26 18.65
C SER A 2 -1.62 -6.00 18.14
N MET A 3 -1.03 -5.24 19.05
CA MET A 3 -0.34 -4.01 18.69
C MET A 3 0.68 -4.26 17.57
N GLU A 4 1.29 -5.43 17.59
CA GLU A 4 2.29 -5.79 16.59
C GLU A 4 1.68 -5.71 15.18
N ARG A 5 0.54 -6.36 15.00
CA ARG A 5 -0.13 -6.36 13.70
C ARG A 5 -0.45 -4.94 13.25
N LEU A 6 -1.04 -4.15 14.16
CA LEU A 6 -1.39 -2.77 13.85
C LEU A 6 -0.16 -1.97 13.46
N ARG A 7 0.86 -2.01 14.32
CA ARG A 7 2.11 -1.28 14.07
C ARG A 7 2.73 -1.72 12.75
N ASP A 8 2.81 -3.03 12.54
CA ASP A 8 3.38 -3.58 11.32
C ASP A 8 2.59 -3.13 10.10
N VAL A 9 1.31 -3.52 10.05
CA VAL A 9 0.45 -3.16 8.94
C VAL A 9 0.46 -1.65 8.69
N ARG A 10 0.11 -0.89 9.72
CA ARG A 10 0.09 0.57 9.61
C ARG A 10 1.41 1.09 9.06
N GLU A 11 2.51 0.53 9.55
CA GLU A 11 3.84 0.96 9.10
C GLU A 11 4.06 0.59 7.64
N ARG A 12 3.61 -0.59 7.26
CA ARG A 12 3.77 -1.07 5.88
C ARG A 12 3.06 -0.13 4.91
N LEU A 13 1.82 0.23 5.24
CA LEU A 13 1.02 1.11 4.39
C LEU A 13 1.65 2.50 4.32
N GLN A 14 1.95 3.06 5.49
CA GLN A 14 2.56 4.40 5.55
C GLN A 14 3.79 4.48 4.65
N ALA A 15 4.80 3.68 4.98
CA ALA A 15 6.04 3.66 4.20
C ALA A 15 5.76 3.37 2.72
N TRP A 16 4.86 2.42 2.47
CA TRP A 16 4.50 2.05 1.11
C TRP A 16 4.13 3.29 0.29
N GLU A 17 2.92 3.81 0.53
CA GLU A 17 2.44 4.99 -0.18
C GLU A 17 3.48 6.11 -0.13
N ARG A 18 4.19 6.19 0.99
CA ARG A 18 5.20 7.22 1.18
C ARG A 18 6.20 7.21 0.02
N ALA A 19 7.10 6.23 0.03
CA ALA A 19 8.10 6.11 -1.03
C ALA A 19 7.46 5.86 -2.38
N PHE A 20 6.36 5.12 -2.37
CA PHE A 20 5.64 4.80 -3.61
C PHE A 20 5.37 6.06 -4.42
N ARG A 21 4.51 6.93 -3.90
CA ARG A 21 4.18 8.17 -4.58
C ARG A 21 5.40 9.07 -4.72
N ARG A 22 6.46 8.73 -3.99
CA ARG A 22 7.70 9.52 -4.02
C ARG A 22 8.46 9.24 -5.31
N GLN A 23 8.52 7.98 -5.70
CA GLN A 23 9.24 7.59 -6.92
C GLN A 23 8.27 7.46 -8.10
N ARG A 24 7.13 6.84 -7.85
CA ARG A 24 6.12 6.66 -8.90
C ARG A 24 5.40 7.96 -9.19
N GLY A 25 5.02 8.68 -8.14
CA GLY A 25 4.33 9.94 -8.31
C GLY A 25 3.03 9.79 -9.09
N ARG A 26 2.38 8.65 -8.93
CA ARG A 26 1.12 8.39 -9.63
C ARG A 26 0.62 6.98 -9.32
N ARG A 27 -0.46 6.59 -9.99
CA ARG A 27 -1.05 5.27 -9.78
C ARG A 27 0.01 4.18 -9.89
N PRO A 28 -0.22 3.06 -9.20
CA PRO A 28 0.70 1.92 -9.19
C PRO A 28 0.74 1.20 -10.53
N SER A 29 1.63 0.22 -10.64
CA SER A 29 1.77 -0.55 -11.87
C SER A 29 1.88 -2.04 -11.58
N GLN A 30 1.54 -2.86 -12.57
CA GLN A 30 1.59 -4.31 -12.43
C GLN A 30 3.00 -4.76 -12.03
N ASP A 31 3.99 -3.92 -12.30
CA ASP A 31 5.37 -4.23 -11.97
C ASP A 31 5.60 -4.18 -10.46
N ASP A 32 5.12 -3.09 -9.84
CA ASP A 32 5.29 -2.91 -8.41
C ASP A 32 4.21 -3.69 -7.64
N VAL A 33 3.03 -3.82 -8.24
CA VAL A 33 1.93 -4.53 -7.63
C VAL A 33 2.20 -6.03 -7.58
N GLU A 34 2.60 -6.59 -8.72
CA GLU A 34 2.90 -8.01 -8.81
C GLU A 34 4.24 -8.34 -8.15
N ALA A 35 4.97 -7.30 -7.78
CA ALA A 35 6.27 -7.47 -7.14
C ALA A 35 6.12 -7.93 -5.69
N ALA A 36 5.06 -7.46 -5.04
CA ALA A 36 4.79 -7.82 -3.66
C ALA A 36 4.01 -9.12 -3.56
N PRO A 37 4.04 -9.76 -2.39
CA PRO A 37 3.35 -11.03 -2.15
C PRO A 37 1.83 -10.86 -2.12
N GLU A 38 1.12 -11.95 -1.86
CA GLU A 38 -0.33 -11.93 -1.81
C GLU A 38 -0.82 -10.94 -0.75
N GLU A 39 -0.42 -11.19 0.50
CA GLU A 39 -0.82 -10.33 1.62
C GLU A 39 -0.56 -8.86 1.28
N THR A 40 0.67 -8.54 0.91
CA THR A 40 1.05 -7.19 0.56
C THR A 40 0.19 -6.65 -0.56
N ARG A 41 0.02 -7.44 -1.61
CA ARG A 41 -0.78 -7.04 -2.76
C ARG A 41 -2.18 -6.64 -2.32
N ALA A 42 -2.72 -7.35 -1.34
CA ALA A 42 -4.06 -7.07 -0.83
C ALA A 42 -4.10 -5.73 -0.11
N LEU A 43 -3.18 -5.54 0.82
CA LEU A 43 -3.10 -4.30 1.58
C LEU A 43 -2.84 -3.11 0.68
N TYR A 44 -1.89 -3.27 -0.24
CA TYR A 44 -1.54 -2.21 -1.18
C TYR A 44 -2.74 -1.82 -2.04
N ARG A 45 -3.30 -2.82 -2.74
CA ARG A 45 -4.45 -2.59 -3.60
C ARG A 45 -5.65 -2.12 -2.79
N GLU A 46 -5.68 -2.47 -1.51
CA GLU A 46 -6.77 -2.09 -0.62
C GLU A 46 -6.78 -0.58 -0.39
N TYR A 47 -5.70 -0.08 0.21
CA TYR A 47 -5.59 1.34 0.49
C TYR A 47 -5.47 2.15 -0.80
N ARG A 48 -4.96 1.52 -1.84
CA ARG A 48 -4.79 2.16 -3.13
C ARG A 48 -6.13 2.36 -3.83
N THR A 49 -6.99 1.35 -3.73
CA THR A 49 -8.31 1.41 -4.35
C THR A 49 -9.24 2.33 -3.57
N LEU A 50 -9.14 2.29 -2.24
CA LEU A 50 -9.97 3.11 -1.38
C LEU A 50 -9.55 4.58 -1.46
N LYS A 51 -8.24 4.81 -1.54
CA LYS A 51 -7.71 6.16 -1.62
C LYS A 51 -7.94 6.75 -3.00
N ARG A 52 -7.71 5.95 -4.04
CA ARG A 52 -7.89 6.40 -5.41
C ARG A 52 -9.37 6.65 -5.71
N THR A 53 -10.22 5.74 -5.24
CA THR A 53 -11.66 5.86 -5.45
C THR A 53 -12.25 7.00 -4.63
N THR A 54 -12.02 6.95 -3.32
CA THR A 54 -12.52 7.99 -2.43
C THR A 54 -11.89 9.34 -2.73
N GLY A 55 -10.57 9.41 -2.57
CA GLY A 55 -9.86 10.65 -2.84
C GLY A 55 -9.43 11.35 -1.56
N GLN A 56 -9.39 10.60 -0.46
CA GLN A 56 -8.99 11.15 0.82
C GLN A 56 -7.54 10.83 1.14
N GLY A 1 -2.53 -8.34 22.83
CA GLY A 1 -2.23 -6.93 22.68
C GLY A 1 -2.70 -6.36 21.35
N SER A 2 -2.50 -7.13 20.28
CA SER A 2 -2.91 -6.70 18.95
C SER A 2 -2.18 -5.42 18.55
N MET A 3 -0.89 -5.35 18.86
CA MET A 3 -0.08 -4.18 18.52
C MET A 3 0.91 -4.50 17.42
N GLU A 4 1.47 -5.70 17.46
CA GLU A 4 2.45 -6.14 16.45
C GLU A 4 1.84 -6.08 15.06
N ARG A 5 0.61 -6.57 14.93
CA ARG A 5 -0.09 -6.58 13.65
C ARG A 5 -0.33 -5.16 13.15
N LEU A 6 -1.02 -4.37 13.97
CA LEU A 6 -1.32 -2.98 13.61
C LEU A 6 -0.05 -2.21 13.30
N ARG A 7 1.01 -2.49 14.05
CA ARG A 7 2.29 -1.82 13.85
C ARG A 7 2.88 -2.16 12.48
N ASP A 8 2.97 -3.44 12.18
CA ASP A 8 3.51 -3.90 10.90
C ASP A 8 2.64 -3.41 9.75
N VAL A 9 1.33 -3.57 9.90
CA VAL A 9 0.39 -3.15 8.86
C VAL A 9 0.45 -1.64 8.65
N ARG A 10 0.16 -0.88 9.70
CA ARG A 10 0.19 0.57 9.63
C ARG A 10 1.51 1.07 9.04
N GLU A 11 2.61 0.46 9.49
CA GLU A 11 3.93 0.84 9.02
C GLU A 11 4.11 0.48 7.53
N ARG A 12 3.61 -0.70 7.16
CA ARG A 12 3.72 -1.16 5.78
C ARG A 12 3.00 -0.20 4.83
N LEU A 13 1.79 0.19 5.21
CA LEU A 13 0.99 1.10 4.40
C LEU A 13 1.66 2.47 4.31
N GLN A 14 2.00 3.03 5.46
CA GLN A 14 2.64 4.35 5.51
C GLN A 14 3.85 4.39 4.58
N ALA A 15 4.84 3.55 4.86
CA ALA A 15 6.05 3.50 4.04
C ALA A 15 5.71 3.23 2.58
N TRP A 16 4.77 2.32 2.36
CA TRP A 16 4.37 1.96 1.00
C TRP A 16 4.00 3.21 0.20
N GLU A 17 2.83 3.76 0.48
CA GLU A 17 2.36 4.95 -0.22
C GLU A 17 3.41 6.06 -0.16
N ARG A 18 4.15 6.11 0.94
CA ARG A 18 5.18 7.12 1.12
C ARG A 18 6.17 7.11 -0.05
N ALA A 19 7.04 6.10 -0.08
CA ALA A 19 8.02 5.97 -1.14
C ALA A 19 7.35 5.76 -2.49
N PHE A 20 6.24 5.04 -2.48
CA PHE A 20 5.50 4.76 -3.71
C PHE A 20 5.25 6.05 -4.50
N ARG A 21 4.43 6.92 -3.92
CA ARG A 21 4.10 8.20 -4.57
C ARG A 21 5.35 9.06 -4.71
N ARG A 22 6.41 8.70 -4.00
CA ARG A 22 7.66 9.45 -4.05
C ARG A 22 8.40 9.19 -5.36
N GLN A 23 8.41 7.92 -5.78
CA GLN A 23 9.10 7.54 -7.01
C GLN A 23 8.12 7.48 -8.17
N ARG A 24 6.95 6.90 -7.94
CA ARG A 24 5.93 6.78 -8.97
C ARG A 24 5.21 8.10 -9.18
N GLY A 25 4.60 8.62 -8.12
CA GLY A 25 3.89 9.88 -8.21
C GLY A 25 2.58 9.76 -8.97
N ARG A 26 1.94 8.60 -8.84
CA ARG A 26 0.67 8.36 -9.52
C ARG A 26 0.19 6.93 -9.27
N ARG A 27 -0.80 6.50 -10.04
CA ARG A 27 -1.35 5.16 -9.91
C ARG A 27 -0.25 4.11 -9.91
N PRO A 28 -0.53 2.95 -9.29
CA PRO A 28 0.43 1.85 -9.21
C PRO A 28 0.67 1.19 -10.55
N SER A 29 1.37 0.05 -10.53
CA SER A 29 1.66 -0.68 -11.76
C SER A 29 1.87 -2.17 -11.47
N GLN A 30 1.64 -3.00 -12.47
CA GLN A 30 1.80 -4.44 -12.32
C GLN A 30 3.20 -4.79 -11.86
N ASP A 31 4.15 -3.87 -12.09
CA ASP A 31 5.54 -4.08 -11.70
C ASP A 31 5.69 -4.00 -10.18
N ASP A 32 5.11 -2.96 -9.59
CA ASP A 32 5.18 -2.76 -8.15
C ASP A 32 4.15 -3.61 -7.43
N VAL A 33 3.03 -3.86 -8.09
CA VAL A 33 1.96 -4.67 -7.52
C VAL A 33 2.35 -6.14 -7.46
N GLU A 34 2.87 -6.65 -8.56
CA GLU A 34 3.30 -8.05 -8.64
C GLU A 34 4.62 -8.26 -7.89
N ALA A 35 5.24 -7.16 -7.48
CA ALA A 35 6.50 -7.22 -6.76
C ALA A 35 6.29 -7.67 -5.32
N ALA A 36 5.19 -7.22 -4.72
CA ALA A 36 4.87 -7.58 -3.35
C ALA A 36 4.12 -8.91 -3.28
N PRO A 37 4.11 -9.52 -2.10
CA PRO A 37 3.44 -10.81 -1.88
C PRO A 37 1.92 -10.68 -1.93
N GLU A 38 1.22 -11.76 -1.58
CA GLU A 38 -0.23 -11.76 -1.59
C GLU A 38 -0.79 -10.79 -0.55
N GLU A 39 -0.52 -11.09 0.72
CA GLU A 39 -0.99 -10.26 1.81
C GLU A 39 -0.72 -8.78 1.52
N THR A 40 0.51 -8.48 1.12
CA THR A 40 0.90 -7.11 0.80
C THR A 40 0.09 -6.55 -0.37
N ARG A 41 -0.05 -7.37 -1.41
CA ARG A 41 -0.80 -6.95 -2.59
C ARG A 41 -2.22 -6.54 -2.22
N ALA A 42 -2.81 -7.26 -1.27
CA ALA A 42 -4.17 -6.97 -0.81
C ALA A 42 -4.23 -5.64 -0.06
N LEU A 43 -3.34 -5.47 0.91
CA LEU A 43 -3.29 -4.26 1.71
C LEU A 43 -2.98 -3.05 0.82
N TYR A 44 -1.99 -3.21 -0.06
CA TYR A 44 -1.59 -2.13 -0.95
C TYR A 44 -2.74 -1.73 -1.87
N ARG A 45 -3.26 -2.69 -2.62
CA ARG A 45 -4.35 -2.44 -3.55
C ARG A 45 -5.59 -1.97 -2.79
N GLU A 46 -5.68 -2.33 -1.52
CA GLU A 46 -6.82 -1.96 -0.69
C GLU A 46 -6.82 -0.45 -0.42
N TYR A 47 -5.78 0.02 0.27
CA TYR A 47 -5.66 1.43 0.58
C TYR A 47 -5.46 2.26 -0.68
N ARG A 48 -4.89 1.64 -1.71
CA ARG A 48 -4.65 2.32 -2.97
C ARG A 48 -5.94 2.53 -3.74
N THR A 49 -6.75 1.48 -3.83
CA THR A 49 -8.02 1.54 -4.55
C THR A 49 -9.00 2.47 -3.83
N LEU A 50 -8.99 2.42 -2.49
CA LEU A 50 -9.87 3.25 -1.70
C LEU A 50 -9.44 4.71 -1.73
N LYS A 51 -8.13 4.93 -1.67
CA LYS A 51 -7.58 6.28 -1.70
C LYS A 51 -7.65 6.87 -3.10
N ARG A 52 -7.66 5.99 -4.10
CA ARG A 52 -7.73 6.41 -5.49
C ARG A 52 -9.17 6.67 -5.92
N THR A 53 -10.09 5.88 -5.37
CA THR A 53 -11.50 6.00 -5.70
C THR A 53 -12.16 7.11 -4.87
N THR A 54 -11.64 7.32 -3.66
CA THR A 54 -12.18 8.35 -2.78
C THR A 54 -11.85 9.74 -3.29
N GLY A 55 -10.78 9.84 -4.08
CA GLY A 55 -10.37 11.12 -4.62
C GLY A 55 -9.84 12.06 -3.56
N GLN A 56 -9.04 11.52 -2.64
CA GLN A 56 -8.47 12.31 -1.56
C GLN A 56 -6.95 12.40 -1.69
N GLY A 1 -2.70 -11.44 18.56
CA GLY A 1 -1.76 -10.97 17.58
C GLY A 1 -2.29 -9.80 16.76
N SER A 2 -2.88 -8.83 17.46
CA SER A 2 -3.43 -7.66 16.80
C SER A 2 -2.43 -6.51 16.78
N MET A 3 -1.64 -6.42 17.86
CA MET A 3 -0.64 -5.36 17.98
C MET A 3 0.38 -5.45 16.83
N GLU A 4 1.04 -6.60 16.74
CA GLU A 4 2.05 -6.82 15.70
C GLU A 4 1.48 -6.48 14.32
N ARG A 5 0.24 -6.90 14.08
CA ARG A 5 -0.42 -6.65 12.80
C ARG A 5 -0.68 -5.16 12.61
N LEU A 6 -1.04 -4.48 13.70
CA LEU A 6 -1.31 -3.04 13.64
C LEU A 6 -0.07 -2.26 13.24
N ARG A 7 1.00 -2.43 14.01
CA ARG A 7 2.25 -1.74 13.72
C ARG A 7 2.82 -2.16 12.38
N ASP A 8 2.65 -3.44 12.04
CA ASP A 8 3.14 -3.96 10.77
C ASP A 8 2.40 -3.34 9.60
N VAL A 9 1.08 -3.48 9.60
CA VAL A 9 0.25 -2.94 8.54
C VAL A 9 0.35 -1.42 8.48
N ARG A 10 0.22 -0.77 9.63
CA ARG A 10 0.32 0.68 9.71
C ARG A 10 1.64 1.17 9.13
N GLU A 11 2.74 0.58 9.58
CA GLU A 11 4.06 0.96 9.10
C GLU A 11 4.23 0.63 7.62
N ARG A 12 3.77 -0.57 7.23
CA ARG A 12 3.88 -1.02 5.85
C ARG A 12 3.12 -0.06 4.93
N LEU A 13 1.91 0.32 5.32
CA LEU A 13 1.10 1.22 4.52
C LEU A 13 1.75 2.60 4.41
N GLN A 14 2.12 3.15 5.56
CA GLN A 14 2.76 4.47 5.60
C GLN A 14 3.95 4.52 4.65
N ALA A 15 4.96 3.71 4.92
CA ALA A 15 6.15 3.66 4.09
C ALA A 15 5.79 3.40 2.62
N TRP A 16 4.86 2.48 2.41
CA TRP A 16 4.43 2.13 1.06
C TRP A 16 4.04 3.38 0.28
N GLU A 17 2.88 3.94 0.61
CA GLU A 17 2.39 5.14 -0.06
C GLU A 17 3.46 6.24 -0.07
N ARG A 18 4.27 6.27 0.98
CA ARG A 18 5.32 7.26 1.11
C ARG A 18 6.25 7.22 -0.11
N ALA A 19 7.10 6.20 -0.17
CA ALA A 19 8.04 6.05 -1.27
C ALA A 19 7.29 5.84 -2.59
N PHE A 20 6.12 5.21 -2.52
CA PHE A 20 5.32 4.94 -3.70
C PHE A 20 5.04 6.23 -4.47
N ARG A 21 4.22 7.10 -3.88
CA ARG A 21 3.87 8.37 -4.51
C ARG A 21 5.09 9.26 -4.66
N ARG A 22 6.15 8.93 -3.92
CA ARG A 22 7.38 9.71 -3.97
C ARG A 22 8.17 9.40 -5.24
N GLN A 23 8.21 8.12 -5.61
CA GLN A 23 8.93 7.69 -6.80
C GLN A 23 7.98 7.56 -8.00
N ARG A 24 6.95 6.75 -7.83
CA ARG A 24 5.96 6.53 -8.88
C ARG A 24 5.21 7.82 -9.19
N GLY A 25 4.79 8.53 -8.15
CA GLY A 25 4.07 9.77 -8.34
C GLY A 25 2.82 9.60 -9.17
N ARG A 26 2.17 8.45 -9.02
CA ARG A 26 0.95 8.15 -9.78
C ARG A 26 0.45 6.75 -9.47
N ARG A 27 -0.60 6.33 -10.18
CA ARG A 27 -1.17 5.00 -9.98
C ARG A 27 -0.09 3.93 -10.03
N PRO A 28 -0.33 2.81 -9.33
CA PRO A 28 0.61 1.69 -9.28
C PRO A 28 0.70 0.95 -10.61
N SER A 29 1.58 -0.03 -10.67
CA SER A 29 1.77 -0.82 -11.89
C SER A 29 1.91 -2.30 -11.57
N GLN A 30 1.59 -3.15 -12.54
CA GLN A 30 1.68 -4.60 -12.36
C GLN A 30 3.09 -5.01 -11.94
N ASP A 31 4.07 -4.15 -12.23
CA ASP A 31 5.46 -4.42 -11.89
C ASP A 31 5.67 -4.30 -10.38
N ASP A 32 5.17 -3.22 -9.79
CA ASP A 32 5.31 -3.00 -8.35
C ASP A 32 4.26 -3.80 -7.57
N VAL A 33 3.10 -3.99 -8.18
CA VAL A 33 2.02 -4.73 -7.55
C VAL A 33 2.35 -6.22 -7.46
N GLU A 34 2.84 -6.78 -8.57
CA GLU A 34 3.20 -8.19 -8.62
C GLU A 34 4.51 -8.44 -7.90
N ALA A 35 5.21 -7.36 -7.55
CA ALA A 35 6.48 -7.47 -6.85
C ALA A 35 6.28 -7.86 -5.39
N ALA A 36 5.19 -7.36 -4.80
CA ALA A 36 4.88 -7.66 -3.41
C ALA A 36 4.11 -8.97 -3.28
N PRO A 37 4.12 -9.55 -2.08
CA PRO A 37 3.44 -10.81 -1.79
C PRO A 37 1.92 -10.66 -1.82
N GLU A 38 1.22 -11.75 -1.49
CA GLU A 38 -0.24 -11.74 -1.49
C GLU A 38 -0.79 -10.77 -0.44
N GLU A 39 -0.47 -11.03 0.82
CA GLU A 39 -0.93 -10.19 1.91
C GLU A 39 -0.66 -8.71 1.61
N THR A 40 0.60 -8.40 1.30
CA THR A 40 1.00 -7.04 0.99
C THR A 40 0.17 -6.47 -0.16
N ARG A 41 0.04 -7.25 -1.23
CA ARG A 41 -0.72 -6.84 -2.40
C ARG A 41 -2.13 -6.41 -2.00
N ALA A 42 -2.74 -7.16 -1.08
CA ALA A 42 -4.09 -6.86 -0.62
C ALA A 42 -4.13 -5.53 0.12
N LEU A 43 -3.22 -5.37 1.09
CA LEU A 43 -3.15 -4.15 1.87
C LEU A 43 -2.87 -2.94 0.98
N TYR A 44 -1.90 -3.08 0.09
CA TYR A 44 -1.54 -2.00 -0.82
C TYR A 44 -2.71 -1.64 -1.73
N ARG A 45 -3.20 -2.62 -2.48
CA ARG A 45 -4.32 -2.39 -3.38
C ARG A 45 -5.55 -1.91 -2.63
N GLU A 46 -5.62 -2.25 -1.34
CA GLU A 46 -6.74 -1.85 -0.51
C GLU A 46 -6.73 -0.35 -0.26
N TYR A 47 -5.66 0.14 0.36
CA TYR A 47 -5.53 1.56 0.65
C TYR A 47 -5.35 2.37 -0.63
N ARG A 48 -4.79 1.73 -1.65
CA ARG A 48 -4.57 2.39 -2.93
C ARG A 48 -5.88 2.58 -3.68
N THR A 49 -6.69 1.52 -3.72
CA THR A 49 -7.97 1.58 -4.41
C THR A 49 -8.97 2.46 -3.68
N LEU A 50 -8.91 2.44 -2.35
CA LEU A 50 -9.80 3.25 -1.52
C LEU A 50 -9.45 4.72 -1.64
N LYS A 51 -8.16 5.03 -1.57
CA LYS A 51 -7.69 6.40 -1.67
C LYS A 51 -7.84 6.93 -3.09
N ARG A 52 -7.72 6.03 -4.06
CA ARG A 52 -7.84 6.40 -5.47
C ARG A 52 -9.29 6.75 -5.82
N THR A 53 -10.22 5.89 -5.42
CA THR A 53 -11.63 6.11 -5.70
C THR A 53 -12.20 7.19 -4.79
N THR A 54 -12.09 6.99 -3.47
CA THR A 54 -12.59 7.94 -2.51
C THR A 54 -11.84 9.26 -2.58
N GLY A 55 -10.51 9.18 -2.54
CA GLY A 55 -9.70 10.38 -2.62
C GLY A 55 -9.26 10.70 -4.03
N GLN A 56 -10.16 10.49 -4.99
CA GLN A 56 -9.86 10.76 -6.39
C GLN A 56 -9.62 12.25 -6.62
N GLY A 1 0.59 -11.44 19.16
CA GLY A 1 -0.78 -10.99 19.35
C GLY A 1 -1.02 -9.61 18.74
N SER A 2 -1.97 -8.88 19.31
CA SER A 2 -2.30 -7.54 18.84
C SER A 2 -1.11 -6.61 18.93
N MET A 3 -1.31 -5.35 18.57
CA MET A 3 -0.24 -4.36 18.62
C MET A 3 0.78 -4.60 17.50
N GLU A 4 1.53 -5.69 17.63
CA GLU A 4 2.54 -6.04 16.63
C GLU A 4 1.94 -6.00 15.22
N ARG A 5 0.76 -6.60 15.07
CA ARG A 5 0.09 -6.64 13.78
C ARG A 5 -0.24 -5.24 13.29
N LEU A 6 -0.73 -4.39 14.19
CA LEU A 6 -1.08 -3.02 13.85
C LEU A 6 0.16 -2.23 13.43
N ARG A 7 1.24 -2.39 14.18
CA ARG A 7 2.49 -1.69 13.90
C ARG A 7 3.05 -2.12 12.54
N ASP A 8 3.09 -3.43 12.32
CA ASP A 8 3.60 -3.98 11.06
C ASP A 8 2.76 -3.50 9.87
N VAL A 9 1.45 -3.70 9.98
CA VAL A 9 0.53 -3.30 8.92
C VAL A 9 0.58 -1.79 8.69
N ARG A 10 0.31 -1.03 9.75
CA ARG A 10 0.32 0.43 9.67
C ARG A 10 1.63 0.93 9.05
N GLU A 11 2.73 0.32 9.48
CA GLU A 11 4.05 0.71 8.99
C GLU A 11 4.18 0.37 7.50
N ARG A 12 3.67 -0.79 7.11
CA ARG A 12 3.74 -1.23 5.72
C ARG A 12 3.02 -0.26 4.81
N LEU A 13 1.81 0.13 5.20
CA LEU A 13 1.01 1.07 4.41
C LEU A 13 1.69 2.43 4.34
N GLN A 14 2.08 2.96 5.49
CA GLN A 14 2.74 4.25 5.56
C GLN A 14 3.92 4.31 4.59
N ALA A 15 4.92 3.47 4.84
CA ALA A 15 6.11 3.44 3.99
C ALA A 15 5.74 3.18 2.53
N TRP A 16 4.78 2.28 2.32
CA TRP A 16 4.33 1.94 0.98
C TRP A 16 3.95 3.21 0.20
N GLU A 17 2.79 3.77 0.52
CA GLU A 17 2.31 4.97 -0.15
C GLU A 17 3.36 6.08 -0.07
N ARG A 18 4.13 6.09 1.01
CA ARG A 18 5.16 7.10 1.19
C ARG A 18 6.13 7.12 0.01
N ALA A 19 6.98 6.11 -0.07
CA ALA A 19 7.96 6.01 -1.16
C ALA A 19 7.26 5.82 -2.51
N PHE A 20 6.12 5.14 -2.49
CA PHE A 20 5.36 4.90 -3.70
C PHE A 20 5.07 6.21 -4.44
N ARG A 21 4.25 7.05 -3.81
CA ARG A 21 3.89 8.34 -4.40
C ARG A 21 5.11 9.24 -4.54
N ARG A 22 6.20 8.85 -3.89
CA ARG A 22 7.43 9.62 -3.93
C ARG A 22 8.05 9.58 -5.33
N GLN A 23 8.27 8.37 -5.84
CA GLN A 23 8.86 8.21 -7.17
C GLN A 23 7.77 7.98 -8.22
N ARG A 24 6.77 7.18 -7.85
CA ARG A 24 5.67 6.88 -8.76
C ARG A 24 4.80 8.12 -9.00
N GLY A 25 4.29 8.69 -7.91
CA GLY A 25 3.47 9.87 -8.01
C GLY A 25 2.25 9.64 -8.90
N ARG A 26 1.63 8.48 -8.77
CA ARG A 26 0.46 8.14 -9.56
C ARG A 26 -0.01 6.71 -9.28
N ARG A 27 -0.96 6.24 -10.07
CA ARG A 27 -1.49 4.89 -9.89
C ARG A 27 -0.36 3.86 -9.86
N PRO A 28 -0.66 2.68 -9.28
CA PRO A 28 0.32 1.59 -9.17
C PRO A 28 0.64 0.97 -10.52
N SER A 29 1.46 -0.09 -10.49
CA SER A 29 1.84 -0.78 -11.72
C SER A 29 2.08 -2.27 -11.45
N GLN A 30 1.89 -3.08 -12.49
CA GLN A 30 2.08 -4.52 -12.36
C GLN A 30 3.46 -4.84 -11.82
N ASP A 31 4.40 -3.92 -12.02
CA ASP A 31 5.76 -4.11 -11.55
C ASP A 31 5.84 -4.01 -10.02
N ASP A 32 5.12 -3.04 -9.46
CA ASP A 32 5.10 -2.85 -8.01
C ASP A 32 4.13 -3.81 -7.34
N VAL A 33 3.01 -4.07 -8.00
CA VAL A 33 2.00 -4.98 -7.48
C VAL A 33 2.52 -6.41 -7.45
N GLU A 34 3.10 -6.84 -8.56
CA GLU A 34 3.64 -8.20 -8.66
C GLU A 34 4.95 -8.33 -7.88
N ALA A 35 5.44 -7.20 -7.37
CA ALA A 35 6.68 -7.19 -6.61
C ALA A 35 6.40 -7.36 -5.11
N ALA A 36 5.27 -7.98 -4.80
CA ALA A 36 4.89 -8.21 -3.41
C ALA A 36 4.00 -9.44 -3.27
N PRO A 37 3.91 -9.98 -2.05
CA PRO A 37 3.09 -11.16 -1.76
C PRO A 37 1.59 -10.86 -1.85
N GLU A 38 0.79 -11.91 -1.72
CA GLU A 38 -0.66 -11.77 -1.79
C GLU A 38 -1.17 -10.79 -0.73
N GLU A 39 -0.86 -11.10 0.52
CA GLU A 39 -1.28 -10.25 1.64
C GLU A 39 -0.92 -8.79 1.38
N THR A 40 0.37 -8.55 1.14
CA THR A 40 0.86 -7.20 0.88
C THR A 40 0.15 -6.58 -0.31
N ARG A 41 -0.05 -7.37 -1.35
CA ARG A 41 -0.73 -6.89 -2.56
C ARG A 41 -2.13 -6.39 -2.23
N ALA A 42 -2.87 -7.18 -1.46
CA ALA A 42 -4.23 -6.80 -1.08
C ALA A 42 -4.23 -5.51 -0.26
N LEU A 43 -3.31 -5.42 0.68
CA LEU A 43 -3.21 -4.23 1.53
C LEU A 43 -2.96 -2.98 0.71
N TYR A 44 -1.94 -3.02 -0.14
CA TYR A 44 -1.60 -1.89 -0.99
C TYR A 44 -2.75 -1.57 -1.95
N ARG A 45 -3.20 -2.58 -2.68
CA ARG A 45 -4.30 -2.40 -3.63
C ARG A 45 -5.55 -1.92 -2.93
N GLU A 46 -5.66 -2.21 -1.64
CA GLU A 46 -6.82 -1.80 -0.86
C GLU A 46 -6.78 -0.30 -0.58
N TYR A 47 -5.74 0.14 0.12
CA TYR A 47 -5.58 1.55 0.45
C TYR A 47 -5.39 2.39 -0.80
N ARG A 48 -4.86 1.76 -1.85
CA ARG A 48 -4.61 2.46 -3.11
C ARG A 48 -5.92 2.66 -3.87
N THR A 49 -6.71 1.61 -3.97
CA THR A 49 -7.99 1.68 -4.69
C THR A 49 -8.97 2.60 -3.96
N LEU A 50 -8.92 2.57 -2.63
CA LEU A 50 -9.81 3.40 -1.82
C LEU A 50 -9.37 4.86 -1.85
N LYS A 51 -8.05 5.07 -1.74
CA LYS A 51 -7.50 6.43 -1.77
C LYS A 51 -7.57 7.02 -3.17
N ARG A 52 -7.60 6.16 -4.18
CA ARG A 52 -7.67 6.60 -5.57
C ARG A 52 -9.11 6.87 -5.98
N THR A 53 -10.03 6.03 -5.50
CA THR A 53 -11.44 6.17 -5.82
C THR A 53 -12.08 7.29 -5.01
N THR A 54 -11.57 7.51 -3.80
CA THR A 54 -12.08 8.56 -2.93
C THR A 54 -11.61 9.93 -3.37
N GLY A 55 -10.49 9.96 -4.11
CA GLY A 55 -9.96 11.22 -4.59
C GLY A 55 -8.94 11.81 -3.64
N GLN A 56 -9.20 11.71 -2.34
CA GLN A 56 -8.29 12.23 -1.33
C GLN A 56 -7.32 11.15 -0.84
N GLY A 1 -3.02 -9.60 21.44
CA GLY A 1 -2.96 -8.17 21.63
C GLY A 1 -3.33 -7.40 20.37
N SER A 2 -3.14 -8.03 19.22
CA SER A 2 -3.44 -7.40 17.94
C SER A 2 -2.66 -6.10 17.78
N MET A 3 -1.41 -6.12 18.23
CA MET A 3 -0.56 -4.94 18.13
C MET A 3 0.47 -5.09 17.01
N GLU A 4 0.99 -6.31 16.86
CA GLU A 4 1.98 -6.60 15.83
C GLU A 4 1.41 -6.32 14.44
N ARG A 5 0.17 -6.74 14.22
CA ARG A 5 -0.49 -6.54 12.93
C ARG A 5 -0.74 -5.06 12.67
N LEU A 6 -1.13 -4.34 13.73
CA LEU A 6 -1.41 -2.92 13.61
C LEU A 6 -0.14 -2.15 13.22
N ARG A 7 0.91 -2.29 14.02
CA ARG A 7 2.17 -1.62 13.75
C ARG A 7 2.76 -2.06 12.42
N ASP A 8 2.62 -3.35 12.12
CA ASP A 8 3.13 -3.89 10.87
C ASP A 8 2.40 -3.30 9.67
N VAL A 9 1.09 -3.49 9.63
CA VAL A 9 0.27 -2.96 8.54
C VAL A 9 0.39 -1.45 8.44
N ARG A 10 0.25 -0.78 9.57
CA ARG A 10 0.35 0.68 9.61
C ARG A 10 1.67 1.16 9.02
N GLU A 11 2.76 0.53 9.45
CA GLU A 11 4.09 0.91 8.98
C GLU A 11 4.24 0.55 7.50
N ARG A 12 3.77 -0.64 7.13
CA ARG A 12 3.86 -1.10 5.75
C ARG A 12 3.12 -0.15 4.80
N LEU A 13 1.90 0.24 5.20
CA LEU A 13 1.09 1.14 4.40
C LEU A 13 1.75 2.51 4.28
N GLN A 14 2.13 3.08 5.42
CA GLN A 14 2.77 4.40 5.44
C GLN A 14 3.97 4.43 4.49
N ALA A 15 4.97 3.60 4.80
CA ALA A 15 6.18 3.54 3.97
C ALA A 15 5.83 3.26 2.51
N TRP A 16 4.88 2.36 2.29
CA TRP A 16 4.45 2.00 0.94
C TRP A 16 4.08 3.26 0.15
N GLU A 17 2.90 3.80 0.45
CA GLU A 17 2.42 5.00 -0.23
C GLU A 17 3.49 6.09 -0.22
N ARG A 18 4.31 6.10 0.83
CA ARG A 18 5.37 7.11 0.96
C ARG A 18 6.33 7.03 -0.22
N ALA A 19 7.19 6.02 -0.22
CA ALA A 19 8.16 5.85 -1.29
C ALA A 19 7.46 5.65 -2.64
N PHE A 20 6.30 4.99 -2.61
CA PHE A 20 5.54 4.74 -3.82
C PHE A 20 5.18 6.05 -4.53
N ARG A 21 4.36 6.85 -3.87
CA ARG A 21 3.94 8.13 -4.43
C ARG A 21 5.11 9.11 -4.49
N ARG A 22 6.21 8.76 -3.85
CA ARG A 22 7.40 9.60 -3.83
C ARG A 22 8.13 9.55 -5.17
N GLN A 23 8.35 8.34 -5.67
CA GLN A 23 9.04 8.15 -6.94
C GLN A 23 8.03 7.98 -8.08
N ARG A 24 6.97 7.23 -7.82
CA ARG A 24 5.94 6.99 -8.83
C ARG A 24 5.09 8.23 -9.03
N GLY A 25 4.41 8.66 -7.97
CA GLY A 25 3.56 9.83 -8.06
C GLY A 25 2.34 9.60 -8.94
N ARG A 26 1.71 8.44 -8.78
CA ARG A 26 0.53 8.10 -9.56
C ARG A 26 0.05 6.69 -9.24
N ARG A 27 -0.87 6.18 -10.04
CA ARG A 27 -1.41 4.84 -9.85
C ARG A 27 -0.30 3.80 -9.88
N PRO A 28 -0.53 2.65 -9.22
CA PRO A 28 0.43 1.55 -9.16
C PRO A 28 0.61 0.86 -10.50
N SER A 29 1.47 -0.15 -10.54
CA SER A 29 1.74 -0.89 -11.76
C SER A 29 1.93 -2.38 -11.47
N GLN A 30 1.67 -3.21 -12.47
CA GLN A 30 1.82 -4.65 -12.32
C GLN A 30 3.22 -5.02 -11.87
N ASP A 31 4.17 -4.12 -12.12
CA ASP A 31 5.56 -4.34 -11.74
C ASP A 31 5.74 -4.23 -10.23
N ASP A 32 5.18 -3.17 -9.65
CA ASP A 32 5.28 -2.95 -8.21
C ASP A 32 4.25 -3.78 -7.46
N VAL A 33 3.12 -4.06 -8.12
CA VAL A 33 2.06 -4.84 -7.51
C VAL A 33 2.44 -6.32 -7.43
N GLU A 34 2.98 -6.85 -8.53
CA GLU A 34 3.38 -8.24 -8.59
C GLU A 34 4.69 -8.46 -7.82
N ALA A 35 5.35 -7.37 -7.45
CA ALA A 35 6.60 -7.44 -6.71
C ALA A 35 6.36 -7.82 -5.26
N ALA A 36 5.26 -7.34 -4.69
CA ALA A 36 4.91 -7.64 -3.31
C ALA A 36 4.15 -8.96 -3.20
N PRO A 37 4.13 -9.53 -1.99
CA PRO A 37 3.44 -10.80 -1.74
C PRO A 37 1.92 -10.66 -1.80
N GLU A 38 1.21 -11.75 -1.50
CA GLU A 38 -0.25 -11.75 -1.54
C GLU A 38 -0.80 -10.78 -0.49
N GLU A 39 -0.53 -11.06 0.78
CA GLU A 39 -1.00 -10.21 1.87
C GLU A 39 -0.72 -8.74 1.57
N THR A 40 0.55 -8.43 1.34
CA THR A 40 0.95 -7.05 1.06
C THR A 40 0.18 -6.49 -0.13
N ARG A 41 0.07 -7.29 -1.19
CA ARG A 41 -0.64 -6.86 -2.39
C ARG A 41 -2.06 -6.42 -2.05
N ALA A 42 -2.72 -7.18 -1.18
CA ALA A 42 -4.08 -6.87 -0.77
C ALA A 42 -4.14 -5.54 -0.03
N LEU A 43 -3.27 -5.38 0.97
CA LEU A 43 -3.22 -4.14 1.75
C LEU A 43 -2.89 -2.94 0.87
N TYR A 44 -1.88 -3.10 0.04
CA TYR A 44 -1.45 -2.03 -0.86
C TYR A 44 -2.58 -1.65 -1.82
N ARG A 45 -3.08 -2.63 -2.55
CA ARG A 45 -4.15 -2.39 -3.52
C ARG A 45 -5.41 -1.90 -2.80
N GLU A 46 -5.54 -2.25 -1.52
CA GLU A 46 -6.70 -1.85 -0.73
C GLU A 46 -6.69 -0.34 -0.49
N TYR A 47 -5.61 0.16 0.08
CA TYR A 47 -5.47 1.59 0.36
C TYR A 47 -5.34 2.38 -0.93
N ARG A 48 -4.81 1.73 -1.97
CA ARG A 48 -4.62 2.39 -3.26
C ARG A 48 -5.96 2.62 -3.96
N THR A 49 -6.82 1.60 -3.91
CA THR A 49 -8.13 1.68 -4.55
C THR A 49 -9.06 2.61 -3.76
N LEU A 50 -9.05 2.46 -2.44
CA LEU A 50 -9.89 3.29 -1.58
C LEU A 50 -9.49 4.76 -1.66
N LYS A 51 -8.19 5.01 -1.60
CA LYS A 51 -7.67 6.37 -1.67
C LYS A 51 -7.92 6.98 -3.05
N ARG A 52 -7.55 6.24 -4.09
CA ARG A 52 -7.73 6.70 -5.46
C ARG A 52 -9.18 7.11 -5.70
N THR A 53 -10.11 6.19 -5.41
CA THR A 53 -11.53 6.46 -5.60
C THR A 53 -12.02 7.53 -4.63
N THR A 54 -12.03 7.19 -3.34
CA THR A 54 -12.49 8.12 -2.32
C THR A 54 -11.50 8.18 -1.16
N GLY A 55 -10.62 9.17 -1.18
CA GLY A 55 -9.63 9.32 -0.12
C GLY A 55 -10.25 9.86 1.16
N GLN A 56 -11.22 9.13 1.70
CA GLN A 56 -11.88 9.54 2.93
C GLN A 56 -11.05 9.15 4.14
N GLY A 1 -6.40 -8.08 20.75
CA GLY A 1 -5.71 -6.82 20.58
C GLY A 1 -4.62 -6.89 19.53
N SER A 2 -4.98 -6.68 18.28
CA SER A 2 -4.03 -6.73 17.18
C SER A 2 -3.01 -5.61 17.29
N MET A 3 -1.89 -5.90 17.95
CA MET A 3 -0.83 -4.91 18.13
C MET A 3 0.26 -5.09 17.07
N GLU A 4 0.77 -6.31 16.95
CA GLU A 4 1.82 -6.60 15.98
C GLU A 4 1.37 -6.25 14.57
N ARG A 5 0.16 -6.68 14.21
CA ARG A 5 -0.39 -6.41 12.89
C ARG A 5 -0.71 -4.93 12.72
N LEU A 6 -1.01 -4.27 13.84
CA LEU A 6 -1.35 -2.85 13.83
C LEU A 6 -0.14 -2.02 13.41
N ARG A 7 0.98 -2.23 14.10
CA ARG A 7 2.21 -1.49 13.80
C ARG A 7 2.79 -1.93 12.46
N ASP A 8 2.62 -3.20 12.13
CA ASP A 8 3.13 -3.75 10.88
C ASP A 8 2.34 -3.20 9.69
N VAL A 9 1.02 -3.37 9.74
CA VAL A 9 0.16 -2.90 8.66
C VAL A 9 0.23 -1.38 8.53
N ARG A 10 0.21 -0.68 9.67
CA ARG A 10 0.27 0.77 9.68
C ARG A 10 1.59 1.26 9.11
N GLU A 11 2.69 0.67 9.57
CA GLU A 11 4.02 1.06 9.10
C GLU A 11 4.20 0.70 7.63
N ARG A 12 3.74 -0.49 7.25
CA ARG A 12 3.85 -0.95 5.88
C ARG A 12 3.12 -0.01 4.93
N LEU A 13 1.90 0.37 5.29
CA LEU A 13 1.10 1.26 4.46
C LEU A 13 1.75 2.64 4.36
N GLN A 14 2.11 3.21 5.51
CA GLN A 14 2.74 4.52 5.55
C GLN A 14 3.94 4.56 4.62
N ALA A 15 4.96 3.76 4.93
CA ALA A 15 6.18 3.71 4.12
C ALA A 15 5.84 3.43 2.65
N TRP A 16 4.92 2.51 2.43
CA TRP A 16 4.50 2.15 1.08
C TRP A 16 4.12 3.39 0.28
N GLU A 17 2.95 3.93 0.56
CA GLU A 17 2.47 5.13 -0.13
C GLU A 17 3.52 6.23 -0.12
N ARG A 18 4.32 6.25 0.94
CA ARG A 18 5.36 7.26 1.09
C ARG A 18 6.32 7.23 -0.10
N ALA A 19 7.19 6.21 -0.12
CA ALA A 19 8.16 6.06 -1.19
C ALA A 19 7.46 5.81 -2.53
N PHE A 20 6.29 5.18 -2.48
CA PHE A 20 5.53 4.89 -3.68
C PHE A 20 5.23 6.17 -4.47
N ARG A 21 4.43 7.04 -3.87
CA ARG A 21 4.07 8.31 -4.51
C ARG A 21 5.27 9.23 -4.59
N ARG A 22 6.34 8.88 -3.89
CA ARG A 22 7.56 9.68 -3.89
C ARG A 22 8.33 9.52 -5.21
N GLN A 23 8.49 8.28 -5.64
CA GLN A 23 9.20 7.98 -6.88
C GLN A 23 8.23 7.80 -8.03
N ARG A 24 7.12 7.12 -7.76
CA ARG A 24 6.10 6.89 -8.78
C ARG A 24 5.31 8.15 -9.08
N GLY A 25 4.69 8.71 -8.05
CA GLY A 25 3.91 9.93 -8.23
C GLY A 25 2.68 9.71 -9.08
N ARG A 26 2.04 8.55 -8.91
CA ARG A 26 0.85 8.22 -9.67
C ARG A 26 0.37 6.81 -9.35
N ARG A 27 -0.58 6.31 -10.13
CA ARG A 27 -1.11 4.97 -9.93
C ARG A 27 -0.01 3.92 -10.04
N PRO A 28 -0.17 2.82 -9.28
CA PRO A 28 0.80 1.72 -9.28
C PRO A 28 0.79 0.94 -10.58
N SER A 29 1.80 0.09 -10.76
CA SER A 29 1.93 -0.72 -11.97
C SER A 29 1.99 -2.20 -11.63
N GLN A 30 1.68 -3.04 -12.61
CA GLN A 30 1.71 -4.49 -12.41
C GLN A 30 3.10 -4.95 -11.98
N ASP A 31 4.10 -4.12 -12.26
CA ASP A 31 5.48 -4.44 -11.89
C ASP A 31 5.67 -4.35 -10.38
N ASP A 32 5.21 -3.25 -9.79
CA ASP A 32 5.34 -3.04 -8.36
C ASP A 32 4.24 -3.78 -7.61
N VAL A 33 3.07 -3.88 -8.23
CA VAL A 33 1.93 -4.57 -7.61
C VAL A 33 2.18 -6.07 -7.53
N GLU A 34 2.57 -6.66 -8.65
CA GLU A 34 2.83 -8.10 -8.70
C GLU A 34 4.16 -8.43 -8.04
N ALA A 35 4.91 -7.40 -7.67
CA ALA A 35 6.20 -7.58 -7.04
C ALA A 35 6.04 -8.03 -5.58
N ALA A 36 5.01 -7.53 -4.92
CA ALA A 36 4.74 -7.89 -3.53
C ALA A 36 3.93 -9.18 -3.45
N PRO A 37 3.96 -9.83 -2.27
CA PRO A 37 3.22 -11.07 -2.03
C PRO A 37 1.72 -10.86 -1.98
N GLU A 38 0.98 -11.94 -1.77
CA GLU A 38 -0.47 -11.88 -1.70
C GLU A 38 -0.92 -10.93 -0.58
N GLU A 39 -0.32 -11.09 0.60
CA GLU A 39 -0.65 -10.25 1.74
C GLU A 39 -0.40 -8.78 1.43
N THR A 40 0.84 -8.45 1.10
CA THR A 40 1.20 -7.08 0.78
C THR A 40 0.32 -6.51 -0.34
N ARG A 41 0.11 -7.31 -1.38
CA ARG A 41 -0.71 -6.89 -2.50
C ARG A 41 -2.10 -6.47 -2.04
N ALA A 42 -2.70 -7.29 -1.18
CA ALA A 42 -4.03 -7.00 -0.65
C ALA A 42 -4.04 -5.67 0.09
N LEU A 43 -3.10 -5.50 1.01
CA LEU A 43 -3.02 -4.27 1.79
C LEU A 43 -2.80 -3.06 0.89
N TYR A 44 -1.81 -3.17 0.00
CA TYR A 44 -1.49 -2.09 -0.93
C TYR A 44 -2.69 -1.75 -1.80
N ARG A 45 -3.21 -2.75 -2.50
CA ARG A 45 -4.35 -2.57 -3.38
C ARG A 45 -5.56 -2.10 -2.59
N GLU A 46 -5.59 -2.42 -1.30
CA GLU A 46 -6.70 -2.03 -0.44
C GLU A 46 -6.72 -0.52 -0.23
N TYR A 47 -5.67 -0.01 0.42
CA TYR A 47 -5.56 1.42 0.69
C TYR A 47 -5.44 2.22 -0.61
N ARG A 48 -4.92 1.57 -1.65
CA ARG A 48 -4.74 2.21 -2.95
C ARG A 48 -6.08 2.38 -3.66
N THR A 49 -6.89 1.32 -3.64
CA THR A 49 -8.20 1.35 -4.28
C THR A 49 -9.15 2.29 -3.55
N LEU A 50 -9.07 2.28 -2.23
CA LEU A 50 -9.93 3.14 -1.41
C LEU A 50 -9.51 4.59 -1.53
N LYS A 51 -8.20 4.83 -1.54
CA LYS A 51 -7.66 6.18 -1.64
C LYS A 51 -7.82 6.72 -3.06
N ARG A 52 -7.83 5.81 -4.03
CA ARG A 52 -7.98 6.20 -5.43
C ARG A 52 -9.44 6.51 -5.76
N THR A 53 -10.34 5.69 -5.24
CA THR A 53 -11.77 5.89 -5.48
C THR A 53 -12.33 7.01 -4.61
N THR A 54 -11.76 7.17 -3.42
CA THR A 54 -12.21 8.21 -2.49
C THR A 54 -11.42 9.50 -2.71
N GLY A 55 -10.25 9.39 -3.33
CA GLY A 55 -9.43 10.55 -3.59
C GLY A 55 -8.87 11.16 -2.32
N GLN A 56 -8.43 10.30 -1.40
CA GLN A 56 -7.87 10.77 -0.13
C GLN A 56 -8.92 11.51 0.69
N GLY A 1 -0.08 -10.28 18.65
CA GLY A 1 -0.84 -10.59 17.45
C GLY A 1 -1.60 -9.38 16.92
N SER A 2 -2.55 -8.90 17.71
CA SER A 2 -3.35 -7.74 17.31
C SER A 2 -2.47 -6.51 17.10
N MET A 3 -1.69 -6.17 18.12
CA MET A 3 -0.80 -5.02 18.04
C MET A 3 0.25 -5.21 16.95
N GLU A 4 0.80 -6.41 16.87
CA GLU A 4 1.81 -6.72 15.86
C GLU A 4 1.32 -6.36 14.46
N ARG A 5 0.13 -6.85 14.12
CA ARG A 5 -0.45 -6.57 12.81
C ARG A 5 -0.74 -5.08 12.64
N LEU A 6 -1.10 -4.43 13.74
CA LEU A 6 -1.41 -3.00 13.72
C LEU A 6 -0.19 -2.19 13.31
N ARG A 7 0.87 -2.28 14.11
CA ARG A 7 2.11 -1.55 13.83
C ARG A 7 2.71 -2.01 12.51
N ASP A 8 2.57 -3.30 12.20
CA ASP A 8 3.10 -3.85 10.96
C ASP A 8 2.39 -3.27 9.75
N VAL A 9 1.08 -3.44 9.70
CA VAL A 9 0.28 -2.92 8.60
C VAL A 9 0.34 -1.40 8.53
N ARG A 10 0.17 -0.75 9.68
CA ARG A 10 0.22 0.70 9.74
C ARG A 10 1.54 1.24 9.18
N GLU A 11 2.64 0.70 9.69
CA GLU A 11 3.97 1.13 9.24
C GLU A 11 4.19 0.76 7.77
N ARG A 12 3.77 -0.44 7.40
CA ARG A 12 3.93 -0.91 6.02
C ARG A 12 3.19 0.02 5.06
N LEU A 13 1.96 0.36 5.40
CA LEU A 13 1.14 1.23 4.56
C LEU A 13 1.76 2.62 4.46
N GLN A 14 2.08 3.21 5.61
CA GLN A 14 2.69 4.54 5.65
C GLN A 14 3.90 4.62 4.73
N ALA A 15 4.93 3.83 5.03
CA ALA A 15 6.14 3.81 4.23
C ALA A 15 5.83 3.50 2.77
N TRP A 16 4.93 2.55 2.55
CA TRP A 16 4.54 2.16 1.20
C TRP A 16 4.15 3.39 0.38
N GLU A 17 2.95 3.91 0.65
CA GLU A 17 2.45 5.08 -0.07
C GLU A 17 3.49 6.20 -0.06
N ARG A 18 4.24 6.29 1.02
CA ARG A 18 5.26 7.32 1.16
C ARG A 18 6.22 7.30 -0.03
N ALA A 19 7.11 6.32 -0.05
CA ALA A 19 8.07 6.19 -1.13
C ALA A 19 7.38 5.90 -2.46
N PHE A 20 6.28 5.15 -2.40
CA PHE A 20 5.54 4.79 -3.59
C PHE A 20 5.24 6.04 -4.43
N ARG A 21 4.41 6.92 -3.88
CA ARG A 21 4.06 8.16 -4.58
C ARG A 21 5.26 9.05 -4.78
N ARG A 22 6.35 8.74 -4.08
CA ARG A 22 7.58 9.52 -4.17
C ARG A 22 8.31 9.21 -5.47
N GLN A 23 8.36 7.94 -5.83
CA GLN A 23 9.03 7.51 -7.05
C GLN A 23 8.03 7.38 -8.20
N ARG A 24 6.88 6.77 -7.92
CA ARG A 24 5.86 6.58 -8.94
C ARG A 24 5.09 7.87 -9.18
N GLY A 25 4.63 8.50 -8.11
CA GLY A 25 3.89 9.74 -8.24
C GLY A 25 2.57 9.56 -8.98
N ARG A 26 1.99 8.36 -8.87
CA ARG A 26 0.74 8.07 -9.53
C ARG A 26 0.33 6.61 -9.30
N ARG A 27 -0.75 6.20 -9.96
CA ARG A 27 -1.24 4.82 -9.83
C ARG A 27 -0.10 3.83 -10.00
N PRO A 28 -0.16 2.72 -9.23
CA PRO A 28 0.87 1.67 -9.29
C PRO A 28 0.81 0.89 -10.59
N SER A 29 1.85 0.08 -10.83
CA SER A 29 1.92 -0.73 -12.04
C SER A 29 2.00 -2.21 -11.71
N GLN A 30 1.65 -3.05 -12.67
CA GLN A 30 1.70 -4.50 -12.47
C GLN A 30 3.09 -4.96 -12.08
N ASP A 31 4.09 -4.13 -12.39
CA ASP A 31 5.47 -4.46 -12.07
C ASP A 31 5.72 -4.35 -10.56
N ASP A 32 5.27 -3.25 -9.97
CA ASP A 32 5.45 -3.02 -8.54
C ASP A 32 4.37 -3.76 -7.74
N VAL A 33 3.19 -3.90 -8.35
CA VAL A 33 2.08 -4.58 -7.69
C VAL A 33 2.33 -6.08 -7.60
N GLU A 34 2.73 -6.67 -8.71
CA GLU A 34 3.01 -8.11 -8.76
C GLU A 34 4.33 -8.43 -8.08
N ALA A 35 5.10 -7.39 -7.76
CA ALA A 35 6.39 -7.56 -7.10
C ALA A 35 6.20 -7.95 -5.63
N ALA A 36 5.14 -7.45 -5.02
CA ALA A 36 4.85 -7.74 -3.62
C ALA A 36 4.08 -9.05 -3.48
N PRO A 37 4.11 -9.62 -2.27
CA PRO A 37 3.41 -10.89 -1.97
C PRO A 37 1.90 -10.72 -1.97
N GLU A 38 1.20 -11.80 -1.65
CA GLU A 38 -0.26 -11.79 -1.61
C GLU A 38 -0.76 -10.80 -0.56
N GLU A 39 -0.41 -11.06 0.70
CA GLU A 39 -0.83 -10.20 1.80
C GLU A 39 -0.55 -8.72 1.47
N THR A 40 0.70 -8.43 1.15
CA THR A 40 1.10 -7.07 0.83
C THR A 40 0.24 -6.49 -0.29
N ARG A 41 0.10 -7.25 -1.38
CA ARG A 41 -0.69 -6.82 -2.52
C ARG A 41 -2.11 -6.43 -2.07
N ALA A 42 -2.64 -7.16 -1.10
CA ALA A 42 -3.97 -6.88 -0.59
C ALA A 42 -4.03 -5.54 0.12
N LEU A 43 -3.12 -5.33 1.06
CA LEU A 43 -3.07 -4.09 1.82
C LEU A 43 -2.77 -2.91 0.90
N TYR A 44 -1.82 -3.10 -0.01
CA TYR A 44 -1.44 -2.05 -0.95
C TYR A 44 -2.63 -1.64 -1.82
N ARG A 45 -3.19 -2.62 -2.54
CA ARG A 45 -4.33 -2.36 -3.41
C ARG A 45 -5.54 -1.89 -2.60
N GLU A 46 -5.57 -2.26 -1.33
CA GLU A 46 -6.67 -1.88 -0.45
C GLU A 46 -6.67 -0.38 -0.21
N TYR A 47 -5.62 0.11 0.43
CA TYR A 47 -5.50 1.53 0.73
C TYR A 47 -5.37 2.36 -0.55
N ARG A 48 -4.84 1.72 -1.59
CA ARG A 48 -4.66 2.39 -2.87
C ARG A 48 -5.99 2.55 -3.60
N THR A 49 -6.77 1.48 -3.64
CA THR A 49 -8.07 1.50 -4.30
C THR A 49 -9.06 2.39 -3.55
N LEU A 50 -8.92 2.42 -2.23
CA LEU A 50 -9.81 3.22 -1.40
C LEU A 50 -9.44 4.70 -1.50
N LYS A 51 -8.15 4.99 -1.45
CA LYS A 51 -7.68 6.37 -1.54
C LYS A 51 -7.82 6.91 -2.96
N ARG A 52 -7.86 6.00 -3.93
CA ARG A 52 -7.99 6.37 -5.33
C ARG A 52 -9.46 6.57 -5.70
N THR A 53 -10.32 5.71 -5.16
CA THR A 53 -11.75 5.79 -5.43
C THR A 53 -12.41 6.90 -4.63
N THR A 54 -11.87 7.17 -3.44
CA THR A 54 -12.40 8.22 -2.58
C THR A 54 -12.08 9.60 -3.13
N GLY A 55 -11.03 9.68 -3.94
CA GLY A 55 -10.64 10.96 -4.52
C GLY A 55 -9.75 11.78 -3.59
N GLN A 56 -9.03 11.10 -2.71
CA GLN A 56 -8.15 11.76 -1.77
C GLN A 56 -8.90 12.82 -0.98
N GLY A 1 0.22 -10.86 16.15
CA GLY A 1 -1.08 -10.83 16.80
C GLY A 1 -1.89 -9.61 16.42
N SER A 2 -2.51 -8.97 17.40
CA SER A 2 -3.32 -7.78 17.16
C SER A 2 -2.44 -6.55 17.00
N MET A 3 -1.56 -6.32 17.97
CA MET A 3 -0.66 -5.17 17.94
C MET A 3 0.37 -5.33 16.84
N GLU A 4 0.94 -6.52 16.73
CA GLU A 4 1.96 -6.81 15.72
C GLU A 4 1.44 -6.44 14.32
N ARG A 5 0.26 -6.95 13.98
CA ARG A 5 -0.34 -6.68 12.68
C ARG A 5 -0.64 -5.19 12.52
N LEU A 6 -1.01 -4.55 13.63
CA LEU A 6 -1.33 -3.12 13.60
C LEU A 6 -0.12 -2.29 13.20
N ARG A 7 0.95 -2.39 13.98
CA ARG A 7 2.18 -1.65 13.71
C ARG A 7 2.78 -2.08 12.38
N ASP A 8 2.65 -3.36 12.06
CA ASP A 8 3.17 -3.91 10.82
C ASP A 8 2.45 -3.31 9.61
N VAL A 9 1.14 -3.50 9.57
CA VAL A 9 0.33 -2.98 8.48
C VAL A 9 0.39 -1.46 8.42
N ARG A 10 0.18 -0.83 9.57
CA ARG A 10 0.21 0.64 9.66
C ARG A 10 1.53 1.19 9.11
N GLU A 11 2.64 0.64 9.60
CA GLU A 11 3.96 1.07 9.16
C GLU A 11 4.18 0.74 7.69
N ARG A 12 3.77 -0.45 7.28
CA ARG A 12 3.94 -0.88 5.90
C ARG A 12 3.20 0.06 4.95
N LEU A 13 1.95 0.39 5.30
CA LEU A 13 1.14 1.28 4.47
C LEU A 13 1.75 2.68 4.42
N GLN A 14 2.09 3.21 5.58
CA GLN A 14 2.68 4.54 5.65
C GLN A 14 3.88 4.65 4.73
N ALA A 15 4.92 3.88 5.01
CA ALA A 15 6.14 3.89 4.20
C ALA A 15 5.82 3.61 2.75
N TRP A 16 4.93 2.66 2.51
CA TRP A 16 4.54 2.29 1.15
C TRP A 16 4.13 3.53 0.35
N GLU A 17 2.93 4.03 0.62
CA GLU A 17 2.43 5.21 -0.08
C GLU A 17 3.44 6.36 -0.02
N ARG A 18 4.18 6.43 1.08
CA ARG A 18 5.18 7.47 1.26
C ARG A 18 6.15 7.51 0.08
N ALA A 19 7.05 6.54 0.03
CA ALA A 19 8.03 6.46 -1.05
C ALA A 19 7.34 6.21 -2.39
N PHE A 20 6.26 5.44 -2.36
CA PHE A 20 5.52 5.13 -3.58
C PHE A 20 5.22 6.38 -4.38
N ARG A 21 4.42 7.27 -3.81
CA ARG A 21 4.06 8.52 -4.47
C ARG A 21 5.26 9.44 -4.59
N ARG A 22 6.34 9.09 -3.90
CA ARG A 22 7.56 9.89 -3.92
C ARG A 22 8.32 9.68 -5.23
N GLN A 23 8.51 8.42 -5.59
CA GLN A 23 9.23 8.09 -6.83
C GLN A 23 8.25 7.83 -7.97
N ARG A 24 7.23 7.01 -7.70
CA ARG A 24 6.23 6.68 -8.70
C ARG A 24 5.43 7.92 -9.09
N GLY A 25 4.92 8.63 -8.10
CA GLY A 25 4.15 9.83 -8.35
C GLY A 25 2.91 9.55 -9.19
N ARG A 26 2.37 8.34 -9.06
CA ARG A 26 1.18 7.95 -9.81
C ARG A 26 0.81 6.51 -9.51
N ARG A 27 -0.37 6.10 -9.97
CA ARG A 27 -0.85 4.73 -9.75
C ARG A 27 0.25 3.71 -10.02
N PRO A 28 0.29 2.65 -9.20
CA PRO A 28 1.29 1.60 -9.33
C PRO A 28 1.08 0.74 -10.59
N SER A 29 2.09 -0.04 -10.93
CA SER A 29 2.01 -0.90 -12.11
C SER A 29 2.01 -2.37 -11.71
N GLN A 30 1.56 -3.23 -12.63
CA GLN A 30 1.51 -4.66 -12.37
C GLN A 30 2.90 -5.21 -12.02
N ASP A 31 3.94 -4.47 -12.42
CA ASP A 31 5.31 -4.88 -12.14
C ASP A 31 5.62 -4.74 -10.65
N ASP A 32 5.28 -3.59 -10.08
CA ASP A 32 5.53 -3.34 -8.67
C ASP A 32 4.45 -3.97 -7.80
N VAL A 33 3.22 -4.03 -8.33
CA VAL A 33 2.10 -4.60 -7.60
C VAL A 33 2.25 -6.12 -7.47
N GLU A 34 2.57 -6.77 -8.58
CA GLU A 34 2.75 -8.22 -8.59
C GLU A 34 4.07 -8.61 -7.96
N ALA A 35 4.92 -7.61 -7.70
CA ALA A 35 6.23 -7.85 -7.10
C ALA A 35 6.09 -8.17 -5.62
N ALA A 36 5.05 -7.64 -4.98
CA ALA A 36 4.81 -7.87 -3.57
C ALA A 36 4.03 -9.17 -3.35
N PRO A 37 4.07 -9.69 -2.11
CA PRO A 37 3.38 -10.93 -1.75
C PRO A 37 1.87 -10.76 -1.72
N GLU A 38 1.17 -11.80 -1.30
CA GLU A 38 -0.29 -11.77 -1.23
C GLU A 38 -0.76 -10.72 -0.22
N GLU A 39 -0.36 -10.90 1.03
CA GLU A 39 -0.75 -9.97 2.09
C GLU A 39 -0.49 -8.52 1.67
N THR A 40 0.71 -8.27 1.17
CA THR A 40 1.09 -6.93 0.73
C THR A 40 0.20 -6.46 -0.42
N ARG A 41 -0.03 -7.33 -1.38
CA ARG A 41 -0.86 -7.01 -2.54
C ARG A 41 -2.26 -6.57 -2.09
N ALA A 42 -2.78 -7.23 -1.05
CA ALA A 42 -4.09 -6.92 -0.53
C ALA A 42 -4.11 -5.54 0.14
N LEU A 43 -3.16 -5.32 1.04
CA LEU A 43 -3.06 -4.04 1.74
C LEU A 43 -2.80 -2.90 0.77
N TYR A 44 -1.87 -3.12 -0.17
CA TYR A 44 -1.53 -2.11 -1.16
C TYR A 44 -2.74 -1.73 -2.00
N ARG A 45 -3.34 -2.74 -2.63
CA ARG A 45 -4.51 -2.53 -3.48
C ARG A 45 -5.68 -1.99 -2.66
N GLU A 46 -5.67 -2.29 -1.36
CA GLU A 46 -6.74 -1.84 -0.47
C GLU A 46 -6.70 -0.33 -0.30
N TYR A 47 -5.56 0.18 0.13
CA TYR A 47 -5.40 1.62 0.33
C TYR A 47 -5.38 2.36 -1.00
N ARG A 48 -4.95 1.66 -2.04
CA ARG A 48 -4.87 2.25 -3.38
C ARG A 48 -6.27 2.45 -3.96
N THR A 49 -7.13 1.46 -3.78
CA THR A 49 -8.49 1.52 -4.29
C THR A 49 -9.35 2.46 -3.45
N LEU A 50 -9.15 2.42 -2.15
CA LEU A 50 -9.90 3.27 -1.22
C LEU A 50 -9.51 4.74 -1.38
N LYS A 51 -8.22 4.97 -1.58
CA LYS A 51 -7.70 6.33 -1.74
C LYS A 51 -8.06 6.88 -3.12
N ARG A 52 -7.86 6.05 -4.14
CA ARG A 52 -8.17 6.46 -5.51
C ARG A 52 -9.66 6.67 -5.70
N THR A 53 -10.47 5.83 -5.04
CA THR A 53 -11.92 5.93 -5.14
C THR A 53 -12.45 7.04 -4.24
N THR A 54 -12.25 6.89 -2.94
CA THR A 54 -12.71 7.87 -1.97
C THR A 54 -11.99 9.20 -2.15
N GLY A 55 -10.67 9.18 -2.03
CA GLY A 55 -9.88 10.38 -2.19
C GLY A 55 -9.46 10.62 -3.63
N GLN A 56 -10.40 10.47 -4.55
CA GLN A 56 -10.11 10.66 -5.97
C GLN A 56 -9.75 12.12 -6.26
N GLY A 1 -0.38 -8.83 20.60
CA GLY A 1 -1.20 -9.61 19.71
C GLY A 1 -1.79 -8.79 18.58
N SER A 2 -2.90 -8.11 18.86
CA SER A 2 -3.57 -7.29 17.86
C SER A 2 -2.75 -6.05 17.53
N MET A 3 -2.19 -5.43 18.57
CA MET A 3 -1.36 -4.24 18.40
C MET A 3 -0.22 -4.50 17.43
N GLU A 4 0.35 -5.70 17.51
CA GLU A 4 1.47 -6.08 16.64
C GLU A 4 1.08 -5.92 15.17
N ARG A 5 -0.04 -6.52 14.79
CA ARG A 5 -0.53 -6.44 13.42
C ARG A 5 -0.79 -4.99 13.01
N LEU A 6 -1.31 -4.20 13.94
CA LEU A 6 -1.61 -2.80 13.68
C LEU A 6 -0.34 -2.04 13.30
N ARG A 7 0.67 -2.11 14.15
CA ARG A 7 1.94 -1.43 13.91
C ARG A 7 2.57 -1.93 12.61
N ASP A 8 2.57 -3.24 12.41
CA ASP A 8 3.14 -3.82 11.21
C ASP A 8 2.41 -3.35 9.96
N VAL A 9 1.11 -3.64 9.89
CA VAL A 9 0.30 -3.24 8.75
C VAL A 9 0.38 -1.73 8.52
N ARG A 10 0.18 -0.96 9.58
CA ARG A 10 0.23 0.49 9.49
C ARG A 10 1.61 0.96 9.03
N GLU A 11 2.64 0.22 9.41
CA GLU A 11 4.01 0.55 9.04
C GLU A 11 4.22 0.36 7.54
N ARG A 12 3.98 -0.85 7.06
CA ARG A 12 4.14 -1.16 5.64
C ARG A 12 3.31 -0.23 4.77
N LEU A 13 2.12 0.11 5.25
CA LEU A 13 1.23 1.00 4.52
C LEU A 13 1.83 2.40 4.41
N GLN A 14 2.16 2.99 5.56
CA GLN A 14 2.74 4.32 5.58
C GLN A 14 3.93 4.42 4.64
N ALA A 15 4.95 3.58 4.88
CA ALA A 15 6.14 3.57 4.05
C ALA A 15 5.78 3.34 2.58
N TRP A 16 4.88 2.41 2.34
CA TRP A 16 4.46 2.09 0.98
C TRP A 16 4.04 3.35 0.23
N GLU A 17 2.86 3.87 0.57
CA GLU A 17 2.34 5.07 -0.08
C GLU A 17 3.38 6.19 -0.05
N ARG A 18 4.17 6.24 1.03
CA ARG A 18 5.20 7.26 1.18
C ARG A 18 6.11 7.28 -0.04
N ALA A 19 7.00 6.29 -0.13
CA ALA A 19 7.94 6.21 -1.25
C ALA A 19 7.20 6.00 -2.56
N PHE A 20 6.10 5.26 -2.51
CA PHE A 20 5.30 4.99 -3.70
C PHE A 20 5.01 6.27 -4.46
N ARG A 21 4.24 7.16 -3.85
CA ARG A 21 3.87 8.43 -4.47
C ARG A 21 5.11 9.32 -4.62
N ARG A 22 6.20 8.93 -3.98
CA ARG A 22 7.44 9.71 -4.04
C ARG A 22 8.13 9.51 -5.39
N GLN A 23 8.29 8.25 -5.78
CA GLN A 23 8.94 7.93 -7.04
C GLN A 23 7.91 7.71 -8.14
N ARG A 24 6.90 6.91 -7.84
CA ARG A 24 5.84 6.62 -8.81
C ARG A 24 5.06 7.88 -9.16
N GLY A 25 4.77 8.69 -8.15
CA GLY A 25 4.03 9.91 -8.36
C GLY A 25 2.76 9.69 -9.17
N ARG A 26 2.17 8.52 -9.02
CA ARG A 26 0.95 8.18 -9.74
C ARG A 26 0.53 6.73 -9.47
N ARG A 27 -0.61 6.34 -10.02
CA ARG A 27 -1.12 4.98 -9.84
C ARG A 27 -0.02 3.96 -10.03
N PRO A 28 -0.09 2.86 -9.25
CA PRO A 28 0.90 1.77 -9.32
C PRO A 28 0.80 0.98 -10.62
N SER A 29 1.77 0.11 -10.84
CA SER A 29 1.80 -0.72 -12.05
C SER A 29 1.88 -2.20 -11.70
N GLN A 30 1.50 -3.05 -12.64
CA GLN A 30 1.54 -4.49 -12.44
C GLN A 30 2.94 -4.95 -12.08
N ASP A 31 3.93 -4.15 -12.42
CA ASP A 31 5.32 -4.47 -12.14
C ASP A 31 5.61 -4.37 -10.64
N ASP A 32 5.17 -3.26 -10.04
CA ASP A 32 5.38 -3.05 -8.62
C ASP A 32 4.32 -3.77 -7.79
N VAL A 33 3.11 -3.88 -8.34
CA VAL A 33 2.01 -4.54 -7.66
C VAL A 33 2.26 -6.05 -7.57
N GLU A 34 2.63 -6.65 -8.69
CA GLU A 34 2.90 -8.09 -8.73
C GLU A 34 4.24 -8.41 -8.09
N ALA A 35 5.03 -7.37 -7.82
CA ALA A 35 6.34 -7.55 -7.19
C ALA A 35 6.20 -7.89 -5.72
N ALA A 36 5.13 -7.41 -5.10
CA ALA A 36 4.89 -7.67 -3.68
C ALA A 36 4.17 -9.00 -3.48
N PRO A 37 4.24 -9.53 -2.25
CA PRO A 37 3.60 -10.80 -1.90
C PRO A 37 2.08 -10.71 -1.88
N GLU A 38 1.42 -11.82 -1.58
CA GLU A 38 -0.03 -11.86 -1.53
C GLU A 38 -0.57 -10.87 -0.49
N GLU A 39 -0.20 -11.10 0.77
CA GLU A 39 -0.65 -10.23 1.85
C GLU A 39 -0.43 -8.76 1.50
N THR A 40 0.80 -8.41 1.17
CA THR A 40 1.13 -7.04 0.82
C THR A 40 0.28 -6.56 -0.36
N ARG A 41 0.10 -7.42 -1.35
CA ARG A 41 -0.69 -7.07 -2.52
C ARG A 41 -2.10 -6.65 -2.13
N ALA A 42 -2.68 -7.37 -1.18
CA ALA A 42 -4.03 -7.06 -0.71
C ALA A 42 -4.07 -5.71 0.02
N LEU A 43 -3.14 -5.53 0.96
CA LEU A 43 -3.07 -4.30 1.73
C LEU A 43 -2.82 -3.10 0.81
N TYR A 44 -1.80 -3.22 -0.04
CA TYR A 44 -1.46 -2.15 -0.96
C TYR A 44 -2.64 -1.79 -1.86
N ARG A 45 -3.24 -2.81 -2.47
CA ARG A 45 -4.39 -2.60 -3.35
C ARG A 45 -5.58 -2.06 -2.56
N GLU A 46 -5.61 -2.35 -1.27
CA GLU A 46 -6.69 -1.90 -0.41
C GLU A 46 -6.65 -0.38 -0.23
N TYR A 47 -5.54 0.11 0.33
CA TYR A 47 -5.37 1.54 0.56
C TYR A 47 -5.26 2.28 -0.77
N ARG A 48 -4.78 1.60 -1.80
CA ARG A 48 -4.63 2.20 -3.12
C ARG A 48 -5.99 2.43 -3.78
N THR A 49 -6.86 1.43 -3.67
CA THR A 49 -8.19 1.53 -4.26
C THR A 49 -9.07 2.50 -3.49
N LEU A 50 -8.92 2.50 -2.17
CA LEU A 50 -9.71 3.39 -1.32
C LEU A 50 -9.23 4.84 -1.45
N LYS A 51 -7.92 5.01 -1.60
CA LYS A 51 -7.35 6.33 -1.74
C LYS A 51 -7.67 6.93 -3.11
N ARG A 52 -7.50 6.13 -4.15
CA ARG A 52 -7.77 6.58 -5.51
C ARG A 52 -9.27 6.81 -5.71
N THR A 53 -10.08 5.90 -5.19
CA THR A 53 -11.53 6.01 -5.30
C THR A 53 -12.08 7.14 -4.45
N THR A 54 -11.88 7.02 -3.14
CA THR A 54 -12.36 8.05 -2.21
C THR A 54 -11.62 9.37 -2.42
N GLY A 55 -10.31 9.35 -2.23
CA GLY A 55 -9.51 10.55 -2.41
C GLY A 55 -9.08 11.15 -1.09
N GLN A 56 -9.13 10.35 -0.02
CA GLN A 56 -8.73 10.82 1.30
C GLN A 56 -7.28 10.47 1.59
N GLY A 1 -3.66 -7.74 21.17
CA GLY A 1 -4.76 -7.80 20.22
C GLY A 1 -4.41 -7.18 18.89
N SER A 2 -3.87 -7.98 17.98
CA SER A 2 -3.49 -7.49 16.66
C SER A 2 -2.47 -6.36 16.77
N MET A 3 -1.51 -6.52 17.67
CA MET A 3 -0.48 -5.51 17.87
C MET A 3 0.56 -5.56 16.75
N GLU A 4 1.27 -6.67 16.65
CA GLU A 4 2.29 -6.83 15.62
C GLU A 4 1.73 -6.52 14.24
N ARG A 5 0.51 -7.00 13.99
CA ARG A 5 -0.16 -6.78 12.71
C ARG A 5 -0.47 -5.29 12.51
N LEU A 6 -0.86 -4.63 13.59
CA LEU A 6 -1.19 -3.21 13.53
C LEU A 6 0.03 -2.38 13.14
N ARG A 7 1.10 -2.53 13.91
CA ARG A 7 2.33 -1.80 13.65
C ARG A 7 2.93 -2.21 12.30
N ASP A 8 2.81 -3.48 11.96
CA ASP A 8 3.33 -4.00 10.70
C ASP A 8 2.58 -3.40 9.52
N VAL A 9 1.26 -3.54 9.53
CA VAL A 9 0.43 -3.02 8.45
C VAL A 9 0.50 -1.50 8.40
N ARG A 10 0.33 -0.86 9.56
CA ARG A 10 0.37 0.59 9.64
C ARG A 10 1.69 1.14 9.08
N GLU A 11 2.80 0.60 9.57
CA GLU A 11 4.11 1.02 9.12
C GLU A 11 4.34 0.67 7.66
N ARG A 12 3.91 -0.54 7.28
CA ARG A 12 4.06 -1.00 5.90
C ARG A 12 3.33 -0.09 4.93
N LEU A 13 2.10 0.25 5.28
CA LEU A 13 1.28 1.12 4.43
C LEU A 13 1.89 2.52 4.34
N GLN A 14 2.19 3.10 5.50
CA GLN A 14 2.79 4.44 5.55
C GLN A 14 4.01 4.53 4.65
N ALA A 15 5.04 3.77 4.98
CA ALA A 15 6.28 3.75 4.20
C ALA A 15 5.99 3.47 2.73
N TRP A 16 5.12 2.50 2.48
CA TRP A 16 4.75 2.13 1.12
C TRP A 16 4.35 3.35 0.31
N GLU A 17 3.15 3.85 0.57
CA GLU A 17 2.65 5.03 -0.14
C GLU A 17 3.67 6.16 -0.11
N ARG A 18 4.44 6.24 0.97
CA ARG A 18 5.45 7.28 1.12
C ARG A 18 6.41 7.26 -0.07
N ALA A 19 7.30 6.28 -0.11
CA ALA A 19 8.27 6.17 -1.19
C ALA A 19 7.58 5.88 -2.51
N PHE A 20 6.47 5.15 -2.45
CA PHE A 20 5.71 4.81 -3.66
C PHE A 20 5.42 6.06 -4.49
N ARG A 21 4.59 6.94 -3.94
CA ARG A 21 4.24 8.18 -4.64
C ARG A 21 5.44 9.07 -4.81
N ARG A 22 6.53 8.75 -4.11
CA ARG A 22 7.76 9.53 -4.20
C ARG A 22 8.50 9.25 -5.50
N GLN A 23 8.55 7.97 -5.88
CA GLN A 23 9.22 7.57 -7.11
C GLN A 23 8.23 7.44 -8.26
N ARG A 24 7.09 6.81 -7.98
CA ARG A 24 6.06 6.61 -9.00
C ARG A 24 5.35 7.93 -9.31
N GLY A 25 5.05 8.69 -8.26
CA GLY A 25 4.37 9.96 -8.44
C GLY A 25 3.04 9.81 -9.16
N ARG A 26 2.39 8.67 -8.95
CA ARG A 26 1.10 8.41 -9.58
C ARG A 26 0.60 7.01 -9.24
N ARG A 27 -0.44 6.57 -9.94
CA ARG A 27 -1.01 5.24 -9.70
C ARG A 27 0.07 4.17 -9.78
N PRO A 28 -0.13 3.08 -9.02
CA PRO A 28 0.82 1.96 -8.98
C PRO A 28 0.84 1.18 -10.28
N SER A 29 1.85 0.32 -10.43
CA SER A 29 1.99 -0.50 -11.64
C SER A 29 2.05 -1.98 -11.29
N GLN A 30 1.70 -2.82 -12.26
CA GLN A 30 1.72 -4.26 -12.06
C GLN A 30 3.10 -4.73 -11.63
N ASP A 31 4.11 -3.93 -11.93
CA ASP A 31 5.49 -4.27 -11.57
C ASP A 31 5.71 -4.16 -10.07
N ASP A 32 5.20 -3.09 -9.47
CA ASP A 32 5.33 -2.87 -8.03
C ASP A 32 4.24 -3.59 -7.26
N VAL A 33 3.06 -3.69 -7.88
CA VAL A 33 1.93 -4.36 -7.26
C VAL A 33 2.15 -5.86 -7.17
N GLU A 34 2.53 -6.46 -8.30
CA GLU A 34 2.78 -7.90 -8.37
C GLU A 34 4.12 -8.25 -7.71
N ALA A 35 4.88 -7.22 -7.36
CA ALA A 35 6.18 -7.41 -6.72
C ALA A 35 6.02 -7.86 -5.27
N ALA A 36 4.96 -7.37 -4.63
CA ALA A 36 4.69 -7.71 -3.23
C ALA A 36 3.92 -9.02 -3.13
N PRO A 37 3.95 -9.63 -1.94
CA PRO A 37 3.25 -10.90 -1.68
C PRO A 37 1.74 -10.73 -1.65
N GLU A 38 1.04 -11.81 -1.34
CA GLU A 38 -0.43 -11.78 -1.28
C GLU A 38 -0.91 -10.76 -0.25
N GLU A 39 -0.51 -10.96 0.99
CA GLU A 39 -0.91 -10.06 2.07
C GLU A 39 -0.66 -8.61 1.69
N THR A 40 0.59 -8.30 1.32
CA THR A 40 0.97 -6.96 0.93
C THR A 40 0.10 -6.46 -0.23
N ARG A 41 -0.02 -7.27 -1.26
CA ARG A 41 -0.81 -6.91 -2.43
C ARG A 41 -2.23 -6.50 -2.02
N ALA A 42 -2.77 -7.19 -1.01
CA ALA A 42 -4.11 -6.90 -0.53
C ALA A 42 -4.17 -5.52 0.13
N LEU A 43 -3.25 -5.28 1.06
CA LEU A 43 -3.20 -4.00 1.76
C LEU A 43 -2.99 -2.85 0.79
N TYR A 44 -2.00 -3.01 -0.09
CA TYR A 44 -1.69 -1.98 -1.07
C TYR A 44 -2.90 -1.66 -1.94
N ARG A 45 -3.44 -2.70 -2.57
CA ARG A 45 -4.61 -2.54 -3.43
C ARG A 45 -5.81 -2.05 -2.63
N GLU A 46 -5.80 -2.32 -1.33
CA GLU A 46 -6.89 -1.90 -0.46
C GLU A 46 -6.95 -0.38 -0.34
N TYR A 47 -5.90 0.21 0.24
CA TYR A 47 -5.83 1.64 0.42
C TYR A 47 -5.72 2.36 -0.93
N ARG A 48 -5.18 1.65 -1.91
CA ARG A 48 -5.01 2.22 -3.26
C ARG A 48 -6.36 2.34 -3.96
N THR A 49 -7.21 1.33 -3.80
CA THR A 49 -8.53 1.33 -4.41
C THR A 49 -9.47 2.29 -3.70
N LEU A 50 -9.39 2.31 -2.36
CA LEU A 50 -10.24 3.19 -1.56
C LEU A 50 -9.84 4.65 -1.74
N LYS A 51 -8.54 4.90 -1.85
CA LYS A 51 -8.03 6.24 -2.03
C LYS A 51 -8.27 6.74 -3.45
N ARG A 52 -7.97 5.88 -4.42
CA ARG A 52 -8.16 6.24 -5.83
C ARG A 52 -9.64 6.41 -6.15
N THR A 53 -10.49 5.59 -5.52
CA THR A 53 -11.92 5.65 -5.74
C THR A 53 -12.55 6.79 -4.94
N THR A 54 -12.46 6.69 -3.61
CA THR A 54 -13.02 7.71 -2.74
C THR A 54 -12.31 9.03 -2.91
N GLY A 55 -11.00 9.04 -2.65
CA GLY A 55 -10.21 10.25 -2.79
C GLY A 55 -9.67 10.44 -4.18
N GLN A 56 -10.53 10.26 -5.18
CA GLN A 56 -10.12 10.42 -6.58
C GLN A 56 -9.76 11.86 -6.87
N GLY A 1 -4.37 -5.93 22.46
CA GLY A 1 -4.73 -5.90 21.05
C GLY A 1 -3.58 -6.29 20.15
N SER A 2 -3.84 -6.35 18.85
CA SER A 2 -2.82 -6.71 17.87
C SER A 2 -1.81 -5.57 17.71
N MET A 3 -0.65 -5.72 18.37
CA MET A 3 0.40 -4.72 18.29
C MET A 3 1.35 -5.00 17.13
N GLU A 4 1.85 -6.24 17.08
CA GLU A 4 2.77 -6.64 16.02
C GLU A 4 2.13 -6.47 14.64
N ARG A 5 0.89 -6.91 14.51
CA ARG A 5 0.16 -6.81 13.25
C ARG A 5 -0.12 -5.34 12.91
N LEU A 6 -0.59 -4.60 13.89
CA LEU A 6 -0.90 -3.18 13.69
C LEU A 6 0.34 -2.40 13.28
N ARG A 7 1.40 -2.53 14.08
CA ARG A 7 2.66 -1.83 13.79
C ARG A 7 3.21 -2.26 12.44
N ASP A 8 3.17 -3.56 12.16
CA ASP A 8 3.67 -4.09 10.90
C ASP A 8 2.87 -3.56 9.72
N VAL A 9 1.57 -3.83 9.72
CA VAL A 9 0.69 -3.38 8.65
C VAL A 9 0.77 -1.87 8.49
N ARG A 10 0.51 -1.14 9.58
CA ARG A 10 0.56 0.31 9.55
C ARG A 10 1.86 0.81 8.94
N GLU A 11 2.97 0.22 9.39
CA GLU A 11 4.29 0.61 8.89
C GLU A 11 4.44 0.27 7.41
N ARG A 12 3.90 -0.88 7.03
CA ARG A 12 3.98 -1.33 5.64
C ARG A 12 3.27 -0.36 4.72
N LEU A 13 2.04 0.01 5.07
CA LEU A 13 1.25 0.94 4.27
C LEU A 13 1.92 2.30 4.21
N GLN A 14 2.32 2.82 5.38
CA GLN A 14 2.98 4.11 5.45
C GLN A 14 4.18 4.17 4.52
N ALA A 15 5.20 3.38 4.82
CA ALA A 15 6.41 3.33 4.01
C ALA A 15 6.08 3.08 2.55
N TRP A 16 5.12 2.20 2.30
CA TRP A 16 4.71 1.88 0.93
C TRP A 16 4.34 3.14 0.16
N GLU A 17 3.18 3.70 0.47
CA GLU A 17 2.72 4.91 -0.20
C GLU A 17 3.74 6.04 -0.06
N ARG A 18 4.50 6.00 1.03
CA ARG A 18 5.51 7.02 1.29
C ARG A 18 6.49 7.12 0.12
N ALA A 19 7.28 6.07 -0.08
CA ALA A 19 8.26 6.05 -1.16
C ALA A 19 7.57 5.87 -2.51
N PHE A 20 6.46 5.14 -2.52
CA PHE A 20 5.72 4.89 -3.75
C PHE A 20 5.22 6.20 -4.35
N ARG A 21 4.37 6.90 -3.61
CA ARG A 21 3.82 8.17 -4.08
C ARG A 21 4.92 9.23 -4.17
N ARG A 22 6.08 8.92 -3.61
CA ARG A 22 7.20 9.86 -3.62
C ARG A 22 7.84 9.92 -5.00
N GLN A 23 8.06 8.74 -5.60
CA GLN A 23 8.67 8.67 -6.92
C GLN A 23 7.59 8.54 -8.00
N ARG A 24 6.57 7.75 -7.72
CA ARG A 24 5.48 7.54 -8.67
C ARG A 24 4.56 8.75 -8.71
N GLY A 25 3.74 8.91 -7.68
CA GLY A 25 2.82 10.02 -7.63
C GLY A 25 1.51 9.74 -8.35
N ARG A 26 0.97 8.54 -8.13
CA ARG A 26 -0.28 8.14 -8.77
C ARG A 26 -0.63 6.70 -8.43
N ARG A 27 -1.63 6.16 -9.12
CA ARG A 27 -2.06 4.78 -8.89
C ARG A 27 -0.91 3.81 -9.09
N PRO A 28 -0.97 2.66 -8.40
CA PRO A 28 0.06 1.63 -8.50
C PRO A 28 0.05 0.92 -9.85
N SER A 29 0.97 -0.02 -10.02
CA SER A 29 1.08 -0.77 -11.28
C SER A 29 1.29 -2.25 -11.00
N GLN A 30 0.97 -3.09 -11.99
CA GLN A 30 1.15 -4.52 -11.86
C GLN A 30 2.58 -4.87 -11.49
N ASP A 31 3.51 -4.00 -11.86
CA ASP A 31 4.92 -4.21 -11.55
C ASP A 31 5.20 -4.02 -10.07
N ASP A 32 4.60 -2.99 -9.48
CA ASP A 32 4.77 -2.69 -8.07
C ASP A 32 3.94 -3.64 -7.21
N VAL A 33 2.75 -3.98 -7.70
CA VAL A 33 1.86 -4.87 -6.97
C VAL A 33 2.38 -6.31 -6.98
N GLU A 34 2.94 -6.72 -8.12
CA GLU A 34 3.48 -8.06 -8.26
C GLU A 34 4.77 -8.22 -7.47
N ALA A 35 5.33 -7.10 -7.04
CA ALA A 35 6.58 -7.10 -6.27
C ALA A 35 6.30 -7.23 -4.78
N ALA A 36 5.20 -7.89 -4.44
CA ALA A 36 4.82 -8.08 -3.04
C ALA A 36 3.98 -9.34 -2.87
N PRO A 37 3.89 -9.83 -1.62
CA PRO A 37 3.12 -11.02 -1.30
C PRO A 37 1.62 -10.82 -1.43
N GLU A 38 0.84 -11.85 -1.16
CA GLU A 38 -0.61 -11.78 -1.24
C GLU A 38 -1.16 -10.76 -0.25
N GLU A 39 -0.91 -11.00 1.03
CA GLU A 39 -1.38 -10.10 2.08
C GLU A 39 -1.04 -8.65 1.75
N THR A 40 0.24 -8.39 1.49
CA THR A 40 0.69 -7.04 1.16
C THR A 40 0.01 -6.53 -0.09
N ARG A 41 -0.09 -7.38 -1.10
CA ARG A 41 -0.72 -7.01 -2.36
C ARG A 41 -2.12 -6.44 -2.12
N ALA A 42 -2.88 -7.12 -1.27
CA ALA A 42 -4.24 -6.70 -0.95
C ALA A 42 -4.24 -5.37 -0.19
N LEU A 43 -3.39 -5.28 0.83
CA LEU A 43 -3.29 -4.07 1.64
C LEU A 43 -2.99 -2.86 0.76
N TYR A 44 -1.98 -2.98 -0.08
CA TYR A 44 -1.59 -1.89 -0.98
C TYR A 44 -2.71 -1.57 -1.96
N ARG A 45 -3.07 -2.55 -2.78
CA ARG A 45 -4.13 -2.38 -3.77
C ARG A 45 -5.40 -1.84 -3.11
N GLU A 46 -5.56 -2.13 -1.82
CA GLU A 46 -6.73 -1.68 -1.08
C GLU A 46 -6.70 -0.17 -0.86
N TYR A 47 -5.67 0.30 -0.17
CA TYR A 47 -5.51 1.72 0.13
C TYR A 47 -5.29 2.51 -1.16
N ARG A 48 -4.71 1.84 -2.16
CA ARG A 48 -4.44 2.49 -3.44
C ARG A 48 -5.72 2.64 -4.26
N THR A 49 -6.49 1.56 -4.34
CA THR A 49 -7.74 1.56 -5.09
C THR A 49 -8.74 2.54 -4.48
N LEU A 50 -8.79 2.58 -3.16
CA LEU A 50 -9.71 3.47 -2.45
C LEU A 50 -9.26 4.91 -2.58
N LYS A 51 -7.96 5.15 -2.41
CA LYS A 51 -7.41 6.49 -2.50
C LYS A 51 -7.51 7.02 -3.93
N ARG A 52 -7.08 6.21 -4.89
CA ARG A 52 -7.12 6.60 -6.30
C ARG A 52 -8.56 6.82 -6.75
N THR A 53 -9.38 5.78 -6.64
CA THR A 53 -10.77 5.85 -7.05
C THR A 53 -11.46 7.06 -6.41
N THR A 54 -11.38 7.15 -5.08
CA THR A 54 -12.00 8.24 -4.35
C THR A 54 -11.34 9.58 -4.71
N GLY A 55 -10.11 9.51 -5.20
CA GLY A 55 -9.39 10.72 -5.58
C GLY A 55 -8.91 11.49 -4.36
N GLN A 56 -8.80 10.81 -3.23
CA GLN A 56 -8.35 11.44 -2.00
C GLN A 56 -9.23 12.63 -1.63
N GLY A 1 -6.39 -5.38 21.68
CA GLY A 1 -4.99 -5.72 21.54
C GLY A 1 -4.52 -5.63 20.11
N SER A 2 -3.86 -6.69 19.63
CA SER A 2 -3.33 -6.72 18.27
C SER A 2 -2.51 -5.48 17.97
N MET A 3 -1.62 -5.14 18.90
CA MET A 3 -0.76 -3.97 18.74
C MET A 3 0.34 -4.24 17.72
N GLU A 4 1.07 -5.32 17.91
CA GLU A 4 2.15 -5.70 17.00
C GLU A 4 1.66 -5.73 15.56
N ARG A 5 0.45 -6.28 15.37
CA ARG A 5 -0.13 -6.37 14.04
C ARG A 5 -0.40 -4.99 13.46
N LEU A 6 -1.17 -4.18 14.20
CA LEU A 6 -1.50 -2.83 13.75
C LEU A 6 -0.23 -2.03 13.45
N ARG A 7 0.80 -2.25 14.27
CA ARG A 7 2.06 -1.54 14.08
C ARG A 7 2.72 -1.93 12.77
N ASP A 8 2.92 -3.23 12.58
CA ASP A 8 3.54 -3.73 11.35
C ASP A 8 2.71 -3.37 10.13
N VAL A 9 1.40 -3.52 10.24
CA VAL A 9 0.50 -3.20 9.13
C VAL A 9 0.52 -1.71 8.82
N ARG A 10 0.12 -0.91 9.80
CA ARG A 10 0.09 0.55 9.63
C ARG A 10 1.43 1.07 9.15
N GLU A 11 2.50 0.41 9.58
CA GLU A 11 3.85 0.81 9.19
C GLU A 11 4.09 0.53 7.71
N ARG A 12 3.76 -0.68 7.28
CA ARG A 12 3.95 -1.07 5.88
C ARG A 12 3.18 -0.14 4.95
N LEU A 13 1.95 0.21 5.36
CA LEU A 13 1.11 1.09 4.56
C LEU A 13 1.72 2.49 4.46
N GLN A 14 2.02 3.06 5.63
CA GLN A 14 2.61 4.40 5.68
C GLN A 14 3.83 4.50 4.77
N ALA A 15 4.84 3.69 5.04
CA ALA A 15 6.06 3.67 4.25
C ALA A 15 5.75 3.41 2.77
N TRP A 16 4.85 2.47 2.52
CA TRP A 16 4.47 2.11 1.16
C TRP A 16 4.06 3.35 0.37
N GLU A 17 2.86 3.86 0.65
CA GLU A 17 2.36 5.06 -0.03
C GLU A 17 3.37 6.19 0.03
N ARG A 18 4.10 6.27 1.14
CA ARG A 18 5.11 7.31 1.33
C ARG A 18 6.08 7.34 0.15
N ALA A 19 6.98 6.36 0.10
CA ALA A 19 7.96 6.28 -0.98
C ALA A 19 7.29 6.05 -2.32
N PHE A 20 6.19 5.30 -2.31
CA PHE A 20 5.46 5.00 -3.53
C PHE A 20 5.16 6.27 -4.31
N ARG A 21 4.32 7.13 -3.74
CA ARG A 21 3.95 8.38 -4.38
C ARG A 21 5.16 9.31 -4.50
N ARG A 22 6.23 8.96 -3.80
CA ARG A 22 7.45 9.76 -3.82
C ARG A 22 8.14 9.66 -5.18
N GLN A 23 8.40 8.44 -5.62
CA GLN A 23 9.06 8.22 -6.90
C GLN A 23 8.03 7.94 -8.00
N ARG A 24 7.04 7.12 -7.67
CA ARG A 24 6.00 6.77 -8.63
C ARG A 24 5.13 7.98 -8.96
N GLY A 25 4.70 8.70 -7.93
CA GLY A 25 3.87 9.87 -8.12
C GLY A 25 2.68 9.59 -9.02
N ARG A 26 2.15 8.37 -8.93
CA ARG A 26 1.00 7.98 -9.74
C ARG A 26 0.65 6.51 -9.50
N ARG A 27 -0.49 6.09 -10.05
CA ARG A 27 -0.94 4.71 -9.89
C ARG A 27 0.20 3.73 -10.16
N PRO A 28 0.25 2.66 -9.36
CA PRO A 28 1.29 1.63 -9.49
C PRO A 28 1.13 0.79 -10.76
N SER A 29 2.16 0.04 -11.11
CA SER A 29 2.13 -0.80 -12.30
C SER A 29 2.13 -2.28 -11.93
N GLN A 30 1.70 -3.12 -12.86
CA GLN A 30 1.66 -4.56 -12.63
C GLN A 30 3.03 -5.09 -12.24
N ASP A 31 4.07 -4.35 -12.60
CA ASP A 31 5.44 -4.76 -12.28
C ASP A 31 5.71 -4.64 -10.79
N ASP A 32 5.31 -3.52 -10.20
CA ASP A 32 5.51 -3.29 -8.77
C ASP A 32 4.41 -3.95 -7.96
N VAL A 33 3.19 -3.96 -8.50
CA VAL A 33 2.06 -4.57 -7.83
C VAL A 33 2.21 -6.07 -7.72
N GLU A 34 2.54 -6.72 -8.84
CA GLU A 34 2.72 -8.16 -8.87
C GLU A 34 4.06 -8.55 -8.24
N ALA A 35 4.87 -7.55 -7.95
CA ALA A 35 6.19 -7.79 -7.34
C ALA A 35 6.05 -8.18 -5.87
N ALA A 36 5.01 -7.65 -5.22
CA ALA A 36 4.76 -7.95 -3.82
C ALA A 36 3.98 -9.24 -3.65
N PRO A 37 4.03 -9.81 -2.44
CA PRO A 37 3.33 -11.06 -2.12
C PRO A 37 1.82 -10.88 -2.08
N GLU A 38 1.10 -11.96 -1.81
CA GLU A 38 -0.36 -11.91 -1.75
C GLU A 38 -0.83 -10.91 -0.70
N GLU A 39 -0.40 -11.12 0.54
CA GLU A 39 -0.78 -10.22 1.63
C GLU A 39 -0.52 -8.76 1.26
N THR A 40 0.70 -8.47 0.85
CA THR A 40 1.08 -7.12 0.46
C THR A 40 0.19 -6.60 -0.67
N ARG A 41 0.02 -7.42 -1.70
CA ARG A 41 -0.80 -7.04 -2.84
C ARG A 41 -2.19 -6.59 -2.38
N ALA A 42 -2.74 -7.31 -1.40
CA ALA A 42 -4.06 -6.98 -0.87
C ALA A 42 -4.05 -5.63 -0.16
N LEU A 43 -3.10 -5.45 0.76
CA LEU A 43 -2.99 -4.21 1.51
C LEU A 43 -2.76 -3.03 0.58
N TYR A 44 -1.79 -3.17 -0.32
CA TYR A 44 -1.47 -2.11 -1.27
C TYR A 44 -2.70 -1.74 -2.11
N ARG A 45 -3.31 -2.75 -2.72
CA ARG A 45 -4.49 -2.53 -3.55
C ARG A 45 -5.65 -1.98 -2.72
N GLU A 46 -5.62 -2.26 -1.41
CA GLU A 46 -6.67 -1.79 -0.52
C GLU A 46 -6.60 -0.28 -0.34
N TYR A 47 -5.43 0.21 0.08
CA TYR A 47 -5.24 1.64 0.28
C TYR A 47 -5.24 2.39 -1.05
N ARG A 48 -4.87 1.69 -2.11
CA ARG A 48 -4.83 2.29 -3.45
C ARG A 48 -6.25 2.48 -4.00
N THR A 49 -7.09 1.47 -3.80
CA THR A 49 -8.46 1.53 -4.28
C THR A 49 -9.31 2.48 -3.43
N LEU A 50 -9.04 2.50 -2.13
CA LEU A 50 -9.76 3.37 -1.21
C LEU A 50 -9.35 4.83 -1.38
N LYS A 51 -8.05 5.05 -1.57
CA LYS A 51 -7.53 6.39 -1.76
C LYS A 51 -7.91 6.94 -3.13
N ARG A 52 -7.81 6.09 -4.15
CA ARG A 52 -8.14 6.49 -5.51
C ARG A 52 -9.64 6.74 -5.65
N THR A 53 -10.44 5.82 -5.13
CA THR A 53 -11.89 5.94 -5.20
C THR A 53 -12.38 7.12 -4.37
N THR A 54 -12.00 7.15 -3.10
CA THR A 54 -12.40 8.22 -2.20
C THR A 54 -11.81 9.56 -2.64
N GLY A 55 -10.48 9.64 -2.66
CA GLY A 55 -9.81 10.86 -3.07
C GLY A 55 -9.26 11.63 -1.89
N GLN A 56 -9.10 10.95 -0.77
CA GLN A 56 -8.57 11.57 0.44
C GLN A 56 -7.84 10.56 1.31
N GLY A 1 -2.08 -6.94 22.61
CA GLY A 1 -2.78 -7.84 21.71
C GLY A 1 -3.14 -7.17 20.40
N SER A 2 -2.95 -7.89 19.30
CA SER A 2 -3.25 -7.36 17.97
C SER A 2 -2.50 -6.06 17.73
N MET A 3 -1.32 -5.94 18.33
CA MET A 3 -0.50 -4.74 18.17
C MET A 3 0.51 -4.92 17.05
N GLU A 4 1.07 -6.13 16.95
CA GLU A 4 2.06 -6.43 15.92
C GLU A 4 1.48 -6.21 14.53
N ARG A 5 0.24 -6.66 14.33
CA ARG A 5 -0.43 -6.52 13.05
C ARG A 5 -0.72 -5.05 12.74
N LEU A 6 -1.18 -4.32 13.75
CA LEU A 6 -1.50 -2.90 13.58
C LEU A 6 -0.24 -2.10 13.22
N ARG A 7 0.80 -2.26 14.02
CA ARG A 7 2.06 -1.55 13.78
C ARG A 7 2.68 -1.98 12.45
N ASP A 8 2.59 -3.27 12.16
CA ASP A 8 3.15 -3.81 10.92
C ASP A 8 2.40 -3.24 9.71
N VAL A 9 1.09 -3.42 9.70
CA VAL A 9 0.26 -2.93 8.59
C VAL A 9 0.35 -1.42 8.48
N ARG A 10 0.09 -0.72 9.58
CA ARG A 10 0.14 0.73 9.60
C ARG A 10 1.47 1.24 9.06
N GLU A 11 2.56 0.66 9.55
CA GLU A 11 3.89 1.07 9.12
C GLU A 11 4.12 0.70 7.66
N ARG A 12 3.68 -0.49 7.26
CA ARG A 12 3.83 -0.95 5.89
C ARG A 12 3.12 -0.02 4.92
N LEU A 13 1.88 0.34 5.26
CA LEU A 13 1.09 1.23 4.41
C LEU A 13 1.74 2.61 4.32
N GLN A 14 2.08 3.18 5.48
CA GLN A 14 2.69 4.50 5.54
C GLN A 14 3.91 4.56 4.62
N ALA A 15 4.92 3.76 4.93
CA ALA A 15 6.14 3.73 4.14
C ALA A 15 5.84 3.44 2.68
N TRP A 16 4.92 2.50 2.45
CA TRP A 16 4.54 2.12 1.09
C TRP A 16 4.15 3.36 0.27
N GLU A 17 2.95 3.88 0.53
CA GLU A 17 2.47 5.05 -0.19
C GLU A 17 3.50 6.18 -0.15
N ARG A 18 4.28 6.23 0.92
CA ARG A 18 5.31 7.25 1.07
C ARG A 18 6.29 7.21 -0.10
N ALA A 19 7.18 6.23 -0.09
CA ALA A 19 8.17 6.08 -1.14
C ALA A 19 7.50 5.82 -2.49
N PHE A 20 6.32 5.20 -2.45
CA PHE A 20 5.58 4.88 -3.66
C PHE A 20 5.29 6.15 -4.46
N ARG A 21 4.40 6.98 -3.94
CA ARG A 21 4.03 8.23 -4.61
C ARG A 21 5.24 9.16 -4.72
N ARG A 22 6.26 8.89 -3.93
CA ARG A 22 7.47 9.70 -3.94
C ARG A 22 8.33 9.38 -5.16
N GLN A 23 8.39 8.11 -5.53
CA GLN A 23 9.17 7.67 -6.67
C GLN A 23 8.30 7.55 -7.91
N ARG A 24 7.18 6.85 -7.79
CA ARG A 24 6.26 6.66 -8.90
C ARG A 24 5.60 7.98 -9.29
N GLY A 25 5.02 8.66 -8.30
CA GLY A 25 4.36 9.92 -8.56
C GLY A 25 3.06 9.76 -9.30
N ARG A 26 2.38 8.64 -9.07
CA ARG A 26 1.11 8.35 -9.73
C ARG A 26 0.59 6.97 -9.34
N ARG A 27 -0.44 6.51 -10.04
CA ARG A 27 -1.03 5.20 -9.77
C ARG A 27 0.03 4.11 -9.87
N PRO A 28 -0.21 2.99 -9.17
CA PRO A 28 0.70 1.84 -9.16
C PRO A 28 0.73 1.11 -10.50
N SER A 29 1.56 0.08 -10.60
CA SER A 29 1.68 -0.69 -11.81
C SER A 29 1.79 -2.19 -11.51
N GLN A 30 1.42 -3.01 -12.48
CA GLN A 30 1.48 -4.47 -12.30
C GLN A 30 2.90 -4.91 -11.95
N ASP A 31 3.88 -4.07 -12.27
CA ASP A 31 5.28 -4.38 -11.99
C ASP A 31 5.56 -4.29 -10.50
N ASP A 32 5.09 -3.22 -9.88
CA ASP A 32 5.29 -3.01 -8.45
C ASP A 32 4.25 -3.77 -7.63
N VAL A 33 3.07 -3.93 -8.21
CA VAL A 33 1.99 -4.64 -7.53
C VAL A 33 2.26 -6.14 -7.48
N GLU A 34 2.68 -6.70 -8.61
CA GLU A 34 2.97 -8.13 -8.69
C GLU A 34 4.32 -8.44 -8.03
N ALA A 35 5.07 -7.39 -7.71
CA ALA A 35 6.38 -7.56 -7.08
C ALA A 35 6.23 -7.95 -5.61
N ALA A 36 5.16 -7.46 -4.98
CA ALA A 36 4.90 -7.76 -3.58
C ALA A 36 4.14 -9.08 -3.42
N PRO A 37 4.19 -9.65 -2.21
CA PRO A 37 3.52 -10.93 -1.92
C PRO A 37 2.00 -10.79 -1.90
N GLU A 38 1.32 -11.85 -1.49
CA GLU A 38 -0.14 -11.85 -1.44
C GLU A 38 -0.64 -10.85 -0.41
N GLU A 39 -0.29 -11.08 0.85
CA GLU A 39 -0.71 -10.19 1.94
C GLU A 39 -0.46 -8.73 1.57
N THR A 40 0.75 -8.44 1.11
CA THR A 40 1.12 -7.08 0.73
C THR A 40 0.25 -6.58 -0.40
N ARG A 41 0.08 -7.41 -1.43
CA ARG A 41 -0.75 -7.03 -2.58
C ARG A 41 -2.15 -6.64 -2.15
N ALA A 42 -2.68 -7.32 -1.14
CA ALA A 42 -4.01 -7.04 -0.63
C ALA A 42 -4.05 -5.69 0.07
N LEU A 43 -3.11 -5.48 0.99
CA LEU A 43 -3.04 -4.22 1.73
C LEU A 43 -2.79 -3.05 0.79
N TYR A 44 -1.85 -3.23 -0.14
CA TYR A 44 -1.52 -2.18 -1.09
C TYR A 44 -2.73 -1.82 -1.94
N ARG A 45 -3.30 -2.81 -2.61
CA ARG A 45 -4.46 -2.59 -3.46
C ARG A 45 -5.65 -2.12 -2.64
N GLU A 46 -5.65 -2.46 -1.36
CA GLU A 46 -6.74 -2.06 -0.47
C GLU A 46 -6.75 -0.54 -0.25
N TYR A 47 -5.66 -0.03 0.30
CA TYR A 47 -5.54 1.41 0.56
C TYR A 47 -5.44 2.19 -0.75
N ARG A 48 -4.94 1.53 -1.79
CA ARG A 48 -4.78 2.16 -3.09
C ARG A 48 -6.14 2.35 -3.77
N THR A 49 -6.99 1.33 -3.67
CA THR A 49 -8.31 1.38 -4.27
C THR A 49 -9.23 2.31 -3.49
N LEU A 50 -9.16 2.24 -2.17
CA LEU A 50 -9.98 3.07 -1.31
C LEU A 50 -9.59 4.54 -1.43
N LYS A 51 -8.28 4.80 -1.46
CA LYS A 51 -7.76 6.16 -1.58
C LYS A 51 -8.03 6.72 -2.97
N ARG A 52 -7.79 5.91 -3.99
CA ARG A 52 -8.01 6.34 -5.37
C ARG A 52 -9.49 6.62 -5.62
N THR A 53 -10.35 5.77 -5.07
CA THR A 53 -11.79 5.94 -5.23
C THR A 53 -12.30 7.18 -4.51
N THR A 54 -12.00 7.26 -3.21
CA THR A 54 -12.41 8.40 -2.41
C THR A 54 -11.75 9.69 -2.88
N GLY A 55 -10.59 9.55 -3.52
CA GLY A 55 -9.88 10.71 -4.01
C GLY A 55 -9.36 11.59 -2.89
N GLN A 56 -8.80 10.96 -1.86
CA GLN A 56 -8.26 11.69 -0.71
C GLN A 56 -9.33 12.57 -0.08
N GLY A 1 -6.62 -5.87 19.40
CA GLY A 1 -6.01 -7.10 19.88
C GLY A 1 -4.71 -7.42 19.16
N SER A 2 -4.61 -6.98 17.91
CA SER A 2 -3.41 -7.24 17.11
C SER A 2 -2.44 -6.07 17.22
N MET A 3 -1.38 -6.27 18.01
CA MET A 3 -0.37 -5.24 18.20
C MET A 3 0.69 -5.30 17.11
N GLU A 4 1.48 -6.37 17.11
CA GLU A 4 2.52 -6.55 16.11
C GLU A 4 1.97 -6.38 14.70
N ARG A 5 0.79 -6.95 14.46
CA ARG A 5 0.15 -6.87 13.16
C ARG A 5 -0.19 -5.41 12.82
N LEU A 6 -0.78 -4.71 13.77
CA LEU A 6 -1.16 -3.31 13.57
C LEU A 6 0.06 -2.45 13.27
N ARG A 7 1.15 -2.69 13.99
CA ARG A 7 2.38 -1.94 13.80
C ARG A 7 2.97 -2.21 12.42
N ASP A 8 2.98 -3.48 12.02
CA ASP A 8 3.52 -3.88 10.73
C ASP A 8 2.65 -3.33 9.59
N VAL A 9 1.35 -3.54 9.71
CA VAL A 9 0.41 -3.06 8.69
C VAL A 9 0.41 -1.54 8.60
N ARG A 10 0.29 -0.88 9.75
CA ARG A 10 0.28 0.57 9.79
C ARG A 10 1.55 1.15 9.18
N GLU A 11 2.70 0.65 9.65
CA GLU A 11 3.98 1.11 9.14
C GLU A 11 4.15 0.77 7.66
N ARG A 12 3.69 -0.41 7.28
CA ARG A 12 3.78 -0.86 5.90
C ARG A 12 2.93 0.01 4.98
N LEU A 13 1.77 0.42 5.49
CA LEU A 13 0.85 1.25 4.72
C LEU A 13 1.42 2.66 4.53
N GLN A 14 1.63 3.36 5.64
CA GLN A 14 2.17 4.71 5.61
C GLN A 14 3.44 4.76 4.78
N ALA A 15 4.36 3.84 5.05
CA ALA A 15 5.62 3.78 4.32
C ALA A 15 5.39 3.51 2.83
N TRP A 16 4.51 2.57 2.54
CA TRP A 16 4.20 2.22 1.16
C TRP A 16 3.81 3.46 0.36
N GLU A 17 2.68 4.06 0.71
CA GLU A 17 2.20 5.25 0.03
C GLU A 17 3.23 6.38 0.10
N ARG A 18 3.97 6.42 1.20
CA ARG A 18 4.98 7.45 1.41
C ARG A 18 5.99 7.44 0.25
N ALA A 19 6.81 6.40 0.19
CA ALA A 19 7.81 6.28 -0.86
C ALA A 19 7.15 6.14 -2.23
N PHE A 20 5.99 5.51 -2.26
CA PHE A 20 5.27 5.31 -3.51
C PHE A 20 4.98 6.65 -4.19
N ARG A 21 4.10 7.44 -3.59
CA ARG A 21 3.75 8.74 -4.14
C ARG A 21 4.96 9.65 -4.20
N ARG A 22 6.01 9.29 -3.45
CA ARG A 22 7.23 10.09 -3.42
C ARG A 22 8.05 9.86 -4.68
N GLN A 23 8.25 8.60 -5.05
CA GLN A 23 9.02 8.26 -6.23
C GLN A 23 8.10 8.02 -7.43
N ARG A 24 7.20 7.05 -7.30
CA ARG A 24 6.27 6.74 -8.38
C ARG A 24 5.35 7.91 -8.66
N GLY A 25 4.67 8.39 -7.63
CA GLY A 25 3.77 9.51 -7.79
C GLY A 25 2.70 9.25 -8.85
N ARG A 26 2.20 8.02 -8.88
CA ARG A 26 1.18 7.64 -9.86
C ARG A 26 0.84 6.16 -9.73
N ARG A 27 -0.33 5.78 -10.25
CA ARG A 27 -0.77 4.40 -10.21
C ARG A 27 0.35 3.45 -10.62
N PRO A 28 0.64 2.47 -9.75
CA PRO A 28 1.70 1.47 -10.00
C PRO A 28 1.33 0.50 -11.12
N SER A 29 2.32 -0.19 -11.64
CA SER A 29 2.11 -1.15 -12.72
C SER A 29 2.03 -2.58 -12.18
N GLN A 30 1.50 -3.48 -12.99
CA GLN A 30 1.37 -4.89 -12.60
C GLN A 30 2.72 -5.47 -12.22
N ASP A 31 3.79 -4.86 -12.72
CA ASP A 31 5.14 -5.32 -12.44
C ASP A 31 5.50 -5.08 -10.97
N ASP A 32 5.18 -3.90 -10.47
CA ASP A 32 5.47 -3.54 -9.09
C ASP A 32 4.37 -4.05 -8.16
N VAL A 33 3.13 -3.98 -8.62
CA VAL A 33 1.99 -4.43 -7.83
C VAL A 33 2.04 -5.93 -7.59
N GLU A 34 2.22 -6.69 -8.68
CA GLU A 34 2.29 -8.14 -8.59
C GLU A 34 3.64 -8.59 -8.03
N ALA A 35 4.56 -7.63 -7.85
CA ALA A 35 5.87 -7.93 -7.33
C ALA A 35 5.82 -8.21 -5.83
N ALA A 36 4.80 -7.66 -5.17
CA ALA A 36 4.63 -7.85 -3.74
C ALA A 36 3.87 -9.15 -3.44
N PRO A 37 3.98 -9.62 -2.19
CA PRO A 37 3.32 -10.85 -1.75
C PRO A 37 1.80 -10.69 -1.67
N GLU A 38 1.11 -11.76 -1.27
CA GLU A 38 -0.34 -11.74 -1.15
C GLU A 38 -0.78 -10.69 -0.15
N GLU A 39 -0.38 -10.87 1.11
CA GLU A 39 -0.75 -9.94 2.16
C GLU A 39 -0.50 -8.50 1.74
N THR A 40 0.74 -8.22 1.33
CA THR A 40 1.12 -6.87 0.89
C THR A 40 0.24 -6.41 -0.26
N ARG A 41 0.02 -7.29 -1.23
CA ARG A 41 -0.80 -6.97 -2.38
C ARG A 41 -2.18 -6.48 -1.96
N ALA A 42 -2.74 -7.12 -0.94
CA ALA A 42 -4.06 -6.75 -0.43
C ALA A 42 -4.01 -5.37 0.23
N LEU A 43 -3.08 -5.18 1.13
CA LEU A 43 -2.93 -3.90 1.83
C LEU A 43 -2.68 -2.77 0.85
N TYR A 44 -1.74 -2.99 -0.07
CA TYR A 44 -1.39 -1.99 -1.06
C TYR A 44 -2.60 -1.64 -1.92
N ARG A 45 -3.12 -2.64 -2.64
CA ARG A 45 -4.29 -2.43 -3.50
C ARG A 45 -5.45 -1.85 -2.71
N GLU A 46 -5.47 -2.11 -1.41
CA GLU A 46 -6.54 -1.62 -0.54
C GLU A 46 -6.46 -0.10 -0.40
N TYR A 47 -5.31 0.38 0.09
CA TYR A 47 -5.12 1.81 0.27
C TYR A 47 -5.10 2.55 -1.07
N ARG A 48 -4.71 1.83 -2.11
CA ARG A 48 -4.65 2.41 -3.45
C ARG A 48 -6.04 2.57 -4.04
N THR A 49 -6.88 1.55 -3.87
CA THR A 49 -8.24 1.58 -4.39
C THR A 49 -9.10 2.57 -3.61
N LEU A 50 -8.86 2.66 -2.31
CA LEU A 50 -9.61 3.57 -1.45
C LEU A 50 -9.17 5.02 -1.66
N LYS A 51 -7.86 5.22 -1.76
CA LYS A 51 -7.31 6.55 -1.98
C LYS A 51 -7.62 7.06 -3.38
N ARG A 52 -7.63 6.15 -4.35
CA ARG A 52 -7.92 6.51 -5.73
C ARG A 52 -9.42 6.73 -5.93
N THR A 53 -10.22 5.83 -5.37
CA THR A 53 -11.68 5.92 -5.49
C THR A 53 -12.23 7.02 -4.59
N THR A 54 -12.05 6.85 -3.29
CA THR A 54 -12.54 7.84 -2.32
C THR A 54 -11.80 9.15 -2.46
N GLY A 55 -10.47 9.10 -2.46
CA GLY A 55 -9.67 10.30 -2.60
C GLY A 55 -9.31 10.61 -4.04
N GLN A 56 -10.28 10.42 -4.93
CA GLN A 56 -10.07 10.68 -6.35
C GLN A 56 -9.81 12.15 -6.60
N GLY A 1 -4.85 -6.43 22.29
CA GLY A 1 -3.64 -6.67 21.52
C GLY A 1 -3.75 -6.19 20.09
N SER A 2 -3.54 -7.10 19.14
CA SER A 2 -3.61 -6.76 17.73
C SER A 2 -2.62 -5.64 17.38
N MET A 3 -1.47 -5.67 18.03
CA MET A 3 -0.44 -4.67 17.79
C MET A 3 0.46 -5.07 16.62
N GLU A 4 0.88 -6.33 16.60
CA GLU A 4 1.74 -6.83 15.54
C GLU A 4 1.13 -6.52 14.17
N ARG A 5 -0.13 -6.90 13.98
CA ARG A 5 -0.82 -6.67 12.72
C ARG A 5 -0.82 -5.18 12.37
N LEU A 6 -1.40 -4.37 13.24
CA LEU A 6 -1.47 -2.93 13.03
C LEU A 6 -0.10 -2.36 12.71
N ARG A 7 0.93 -2.93 13.33
CA ARG A 7 2.30 -2.48 13.11
C ARG A 7 2.74 -2.74 11.68
N ASP A 8 2.59 -3.98 11.24
CA ASP A 8 2.97 -4.36 9.89
C ASP A 8 2.13 -3.62 8.86
N VAL A 9 0.83 -3.53 9.11
CA VAL A 9 -0.08 -2.84 8.20
C VAL A 9 0.23 -1.35 8.14
N ARG A 10 0.12 -0.67 9.28
CA ARG A 10 0.39 0.75 9.34
C ARG A 10 1.76 1.08 8.74
N GLU A 11 2.76 0.27 9.07
CA GLU A 11 4.11 0.47 8.56
C GLU A 11 4.16 0.22 7.05
N ARG A 12 3.48 -0.83 6.61
CA ARG A 12 3.46 -1.18 5.20
C ARG A 12 2.85 -0.06 4.37
N LEU A 13 1.70 0.45 4.83
CA LEU A 13 1.01 1.52 4.12
C LEU A 13 1.85 2.80 4.11
N GLN A 14 2.27 3.23 5.29
CA GLN A 14 3.09 4.44 5.41
C GLN A 14 4.30 4.37 4.49
N ALA A 15 5.19 3.41 4.73
CA ALA A 15 6.38 3.23 3.91
C ALA A 15 6.02 3.16 2.43
N TRP A 16 4.98 2.40 2.11
CA TRP A 16 4.55 2.24 0.72
C TRP A 16 4.35 3.60 0.06
N GLU A 17 3.27 4.28 0.42
CA GLU A 17 2.97 5.59 -0.15
C GLU A 17 4.18 6.51 -0.05
N ARG A 18 4.98 6.32 1.00
CA ARG A 18 6.17 7.14 1.21
C ARG A 18 7.08 7.10 -0.02
N ALA A 19 7.75 5.98 -0.22
CA ALA A 19 8.65 5.81 -1.36
C ALA A 19 7.88 5.79 -2.67
N PHE A 20 6.64 5.30 -2.61
CA PHE A 20 5.80 5.22 -3.81
C PHE A 20 5.63 6.60 -4.44
N ARG A 21 4.88 7.47 -3.77
CA ARG A 21 4.64 8.82 -4.27
C ARG A 21 5.94 9.60 -4.35
N ARG A 22 6.98 9.10 -3.70
CA ARG A 22 8.27 9.76 -3.70
C ARG A 22 8.97 9.61 -5.05
N GLN A 23 8.98 8.39 -5.57
CA GLN A 23 9.61 8.10 -6.85
C GLN A 23 8.58 8.08 -7.98
N ARG A 24 7.55 7.24 -7.81
CA ARG A 24 6.50 7.12 -8.81
C ARG A 24 5.67 8.41 -8.88
N GLY A 25 4.91 8.67 -7.82
CA GLY A 25 4.09 9.87 -7.77
C GLY A 25 2.86 9.75 -8.65
N ARG A 26 2.30 8.55 -8.73
CA ARG A 26 1.12 8.31 -9.55
C ARG A 26 0.73 6.83 -9.52
N ARG A 27 -0.47 6.53 -9.98
CA ARG A 27 -0.96 5.16 -10.01
C ARG A 27 0.11 4.21 -10.55
N PRO A 28 0.49 3.22 -9.73
CA PRO A 28 1.51 2.23 -10.10
C PRO A 28 1.02 1.28 -11.20
N SER A 29 1.80 0.22 -11.45
CA SER A 29 1.44 -0.76 -12.46
C SER A 29 1.43 -2.17 -11.88
N GLN A 30 1.18 -3.15 -12.73
CA GLN A 30 1.13 -4.54 -12.30
C GLN A 30 2.52 -5.02 -11.87
N ASP A 31 3.55 -4.29 -12.28
CA ASP A 31 4.92 -4.63 -11.94
C ASP A 31 5.18 -4.37 -10.46
N ASP A 32 4.81 -3.19 -9.98
CA ASP A 32 5.01 -2.82 -8.60
C ASP A 32 3.98 -3.49 -7.70
N VAL A 33 2.79 -3.72 -8.24
CA VAL A 33 1.72 -4.37 -7.50
C VAL A 33 2.02 -5.84 -7.24
N GLU A 34 2.41 -6.55 -8.29
CA GLU A 34 2.74 -7.97 -8.18
C GLU A 34 4.11 -8.16 -7.53
N ALA A 35 4.80 -7.05 -7.31
CA ALA A 35 6.13 -7.10 -6.70
C ALA A 35 6.04 -7.40 -5.21
N ALA A 36 4.95 -6.98 -4.58
CA ALA A 36 4.74 -7.21 -3.17
C ALA A 36 4.11 -8.57 -2.92
N PRO A 37 4.22 -9.06 -1.67
CA PRO A 37 3.68 -10.35 -1.27
C PRO A 37 2.16 -10.35 -1.23
N GLU A 38 1.58 -11.47 -0.82
CA GLU A 38 0.12 -11.59 -0.74
C GLU A 38 -0.44 -10.63 0.30
N GLU A 39 -0.03 -10.80 1.55
CA GLU A 39 -0.50 -9.95 2.63
C GLU A 39 -0.38 -8.47 2.25
N THR A 40 0.84 -8.05 1.92
CA THR A 40 1.09 -6.67 1.55
C THR A 40 0.20 -6.24 0.38
N ARG A 41 0.02 -7.15 -0.59
CA ARG A 41 -0.81 -6.87 -1.75
C ARG A 41 -2.23 -6.49 -1.33
N ALA A 42 -2.79 -7.26 -0.41
CA ALA A 42 -4.14 -7.02 0.08
C ALA A 42 -4.23 -5.65 0.74
N LEU A 43 -3.34 -5.39 1.68
CA LEU A 43 -3.32 -4.12 2.40
C LEU A 43 -3.09 -2.95 1.44
N TYR A 44 -2.12 -3.12 0.55
CA TYR A 44 -1.80 -2.07 -0.43
C TYR A 44 -2.98 -1.83 -1.37
N ARG A 45 -3.38 -2.86 -2.09
CA ARG A 45 -4.50 -2.76 -3.03
C ARG A 45 -5.75 -2.26 -2.32
N GLU A 46 -5.82 -2.50 -1.02
CA GLU A 46 -6.97 -2.07 -0.23
C GLU A 46 -6.98 -0.55 -0.06
N TYR A 47 -5.89 -0.01 0.44
CA TYR A 47 -5.78 1.43 0.65
C TYR A 47 -5.64 2.16 -0.68
N ARG A 48 -5.09 1.48 -1.67
CA ARG A 48 -4.90 2.07 -2.99
C ARG A 48 -6.23 2.17 -3.74
N THR A 49 -7.00 1.08 -3.70
CA THR A 49 -8.30 1.06 -4.38
C THR A 49 -9.31 1.95 -3.66
N LEU A 50 -9.26 1.95 -2.33
CA LEU A 50 -10.17 2.75 -1.53
C LEU A 50 -9.86 4.23 -1.67
N LYS A 51 -8.58 4.57 -1.60
CA LYS A 51 -8.14 5.96 -1.73
C LYS A 51 -8.37 6.47 -3.15
N ARG A 52 -8.07 5.64 -4.13
CA ARG A 52 -8.25 6.01 -5.53
C ARG A 52 -9.73 6.18 -5.87
N THR A 53 -10.56 5.28 -5.34
CA THR A 53 -11.99 5.33 -5.59
C THR A 53 -12.62 6.55 -4.92
N THR A 54 -12.39 6.68 -3.62
CA THR A 54 -12.94 7.81 -2.86
C THR A 54 -12.34 9.13 -3.33
N GLY A 55 -11.15 9.07 -3.90
CA GLY A 55 -10.48 10.27 -4.39
C GLY A 55 -9.53 10.85 -3.36
N GLN A 56 -9.89 10.74 -2.09
CA GLN A 56 -9.06 11.27 -1.01
C GLN A 56 -8.90 12.78 -1.14
N GLY A 1 -6.37 -5.31 20.79
CA GLY A 1 -5.18 -6.08 20.51
C GLY A 1 -4.73 -5.94 19.06
N SER A 2 -4.26 -7.03 18.48
CA SER A 2 -3.79 -7.02 17.10
C SER A 2 -2.71 -5.96 16.90
N MET A 3 -1.79 -5.86 17.86
CA MET A 3 -0.71 -4.90 17.78
C MET A 3 0.23 -5.21 16.62
N GLU A 4 0.72 -6.44 16.58
CA GLU A 4 1.63 -6.86 15.52
C GLU A 4 1.03 -6.57 14.15
N ARG A 5 -0.26 -6.82 14.00
CA ARG A 5 -0.95 -6.59 12.74
C ARG A 5 -0.96 -5.10 12.40
N LEU A 6 -1.46 -4.29 13.33
CA LEU A 6 -1.52 -2.84 13.12
C LEU A 6 -0.15 -2.27 12.82
N ARG A 7 0.86 -2.78 13.51
CA ARG A 7 2.23 -2.32 13.32
C ARG A 7 2.71 -2.62 11.89
N ASP A 8 2.60 -3.87 11.49
CA ASP A 8 3.02 -4.28 10.16
C ASP A 8 2.22 -3.55 9.08
N VAL A 9 0.89 -3.56 9.23
CA VAL A 9 0.01 -2.89 8.28
C VAL A 9 0.33 -1.40 8.19
N ARG A 10 0.24 -0.71 9.32
CA ARG A 10 0.52 0.72 9.36
C ARG A 10 1.87 1.03 8.73
N GLU A 11 2.87 0.20 9.03
CA GLU A 11 4.20 0.39 8.48
C GLU A 11 4.22 0.15 6.97
N ARG A 12 3.51 -0.88 6.54
CA ARG A 12 3.44 -1.21 5.13
C ARG A 12 2.83 -0.07 4.32
N LEU A 13 1.70 0.45 4.80
CA LEU A 13 1.03 1.55 4.13
C LEU A 13 1.89 2.80 4.12
N GLN A 14 2.33 3.22 5.29
CA GLN A 14 3.17 4.41 5.42
C GLN A 14 4.37 4.33 4.47
N ALA A 15 5.23 3.35 4.69
CA ALA A 15 6.41 3.16 3.86
C ALA A 15 6.04 3.11 2.38
N TRP A 16 4.98 2.37 2.06
CA TRP A 16 4.52 2.24 0.68
C TRP A 16 4.34 3.62 0.04
N GLU A 17 3.27 4.31 0.41
CA GLU A 17 3.00 5.63 -0.14
C GLU A 17 4.23 6.54 -0.04
N ARG A 18 5.04 6.30 0.98
CA ARG A 18 6.25 7.09 1.18
C ARG A 18 7.15 7.04 -0.05
N ALA A 19 7.80 5.90 -0.26
CA ALA A 19 8.68 5.72 -1.41
C ALA A 19 7.89 5.72 -2.71
N PHE A 20 6.62 5.30 -2.64
CA PHE A 20 5.77 5.25 -3.81
C PHE A 20 5.60 6.63 -4.43
N ARG A 21 4.86 7.49 -3.74
CA ARG A 21 4.61 8.85 -4.23
C ARG A 21 5.92 9.63 -4.32
N ARG A 22 6.96 9.11 -3.68
CA ARG A 22 8.27 9.76 -3.68
C ARG A 22 8.87 9.76 -5.08
N GLN A 23 9.03 8.57 -5.66
CA GLN A 23 9.60 8.42 -6.99
C GLN A 23 8.50 8.29 -8.03
N ARG A 24 7.53 7.42 -7.75
CA ARG A 24 6.42 7.19 -8.67
C ARG A 24 5.57 8.44 -8.82
N GLY A 25 4.87 8.81 -7.74
CA GLY A 25 4.02 9.98 -7.77
C GLY A 25 2.83 9.83 -8.69
N ARG A 26 2.29 8.62 -8.76
CA ARG A 26 1.14 8.32 -9.61
C ARG A 26 0.78 6.85 -9.55
N ARG A 27 -0.43 6.52 -10.01
CA ARG A 27 -0.89 5.14 -10.01
C ARG A 27 0.19 4.20 -10.54
N PRO A 28 0.56 3.20 -9.73
CA PRO A 28 1.59 2.22 -10.10
C PRO A 28 1.11 1.28 -11.21
N SER A 29 1.87 0.21 -11.42
CA SER A 29 1.53 -0.77 -12.46
C SER A 29 1.49 -2.18 -11.87
N GLN A 30 1.25 -3.16 -12.73
CA GLN A 30 1.19 -4.55 -12.31
C GLN A 30 2.56 -5.05 -11.84
N ASP A 31 3.60 -4.33 -12.25
CA ASP A 31 4.97 -4.70 -11.88
C ASP A 31 5.21 -4.43 -10.40
N ASP A 32 4.81 -3.26 -9.94
CA ASP A 32 4.99 -2.87 -8.55
C ASP A 32 3.95 -3.55 -7.67
N VAL A 33 2.74 -3.70 -8.19
CA VAL A 33 1.66 -4.34 -7.45
C VAL A 33 1.94 -5.81 -7.20
N GLU A 34 2.31 -6.53 -8.26
CA GLU A 34 2.61 -7.94 -8.16
C GLU A 34 3.99 -8.17 -7.54
N ALA A 35 4.70 -7.07 -7.30
CA ALA A 35 6.03 -7.14 -6.70
C ALA A 35 5.96 -7.48 -5.22
N ALA A 36 4.88 -7.03 -4.57
CA ALA A 36 4.70 -7.29 -3.14
C ALA A 36 4.03 -8.65 -2.92
N PRO A 37 4.15 -9.16 -1.70
CA PRO A 37 3.57 -10.46 -1.32
C PRO A 37 2.05 -10.40 -1.25
N GLU A 38 1.43 -11.56 -1.00
CA GLU A 38 -0.02 -11.64 -0.91
C GLU A 38 -0.56 -10.71 0.18
N GLU A 39 0.06 -10.77 1.36
CA GLU A 39 -0.35 -9.94 2.48
C GLU A 39 -0.28 -8.47 2.11
N THR A 40 0.93 -7.99 1.82
CA THR A 40 1.14 -6.60 1.46
C THR A 40 0.26 -6.19 0.29
N ARG A 41 0.09 -7.10 -0.67
CA ARG A 41 -0.75 -6.84 -1.84
C ARG A 41 -2.16 -6.46 -1.43
N ALA A 42 -2.76 -7.28 -0.57
CA ALA A 42 -4.12 -7.03 -0.10
C ALA A 42 -4.22 -5.69 0.61
N LEU A 43 -3.31 -5.47 1.56
CA LEU A 43 -3.29 -4.22 2.31
C LEU A 43 -3.12 -3.02 1.39
N TYR A 44 -2.10 -3.08 0.54
CA TYR A 44 -1.83 -2.00 -0.39
C TYR A 44 -3.02 -1.77 -1.33
N ARG A 45 -3.43 -2.82 -2.03
CA ARG A 45 -4.55 -2.73 -2.95
C ARG A 45 -5.80 -2.21 -2.24
N GLU A 46 -5.86 -2.43 -0.92
CA GLU A 46 -7.00 -1.98 -0.13
C GLU A 46 -7.00 -0.46 0.02
N TYR A 47 -5.90 0.07 0.54
CA TYR A 47 -5.77 1.51 0.75
C TYR A 47 -5.64 2.23 -0.59
N ARG A 48 -5.10 1.54 -1.59
CA ARG A 48 -4.93 2.12 -2.91
C ARG A 48 -6.25 2.20 -3.65
N THR A 49 -6.99 1.09 -3.67
CA THR A 49 -8.27 1.04 -4.35
C THR A 49 -9.31 1.92 -3.65
N LEU A 50 -9.21 1.98 -2.33
CA LEU A 50 -10.13 2.80 -1.54
C LEU A 50 -9.82 4.27 -1.69
N LYS A 51 -8.53 4.61 -1.65
CA LYS A 51 -8.10 6.00 -1.78
C LYS A 51 -8.25 6.48 -3.22
N ARG A 52 -8.19 5.55 -4.16
CA ARG A 52 -8.32 5.87 -5.57
C ARG A 52 -9.80 5.99 -5.97
N THR A 53 -10.63 5.14 -5.39
CA THR A 53 -12.06 5.15 -5.68
C THR A 53 -12.77 6.25 -4.90
N THR A 54 -12.23 6.58 -3.73
CA THR A 54 -12.82 7.62 -2.90
C THR A 54 -12.10 8.96 -3.10
N GLY A 55 -10.88 8.89 -3.61
CA GLY A 55 -10.11 10.11 -3.84
C GLY A 55 -9.63 10.75 -2.56
N GLN A 56 -9.14 9.92 -1.63
CA GLN A 56 -8.65 10.41 -0.36
C GLN A 56 -7.14 10.65 -0.40
N GLY A 1 -4.59 -7.63 22.40
CA GLY A 1 -3.37 -7.77 21.62
C GLY A 1 -3.52 -7.20 20.22
N SER A 2 -3.06 -7.97 19.23
CA SER A 2 -3.14 -7.53 17.84
C SER A 2 -2.40 -6.22 17.64
N MET A 3 -1.31 -6.04 18.36
CA MET A 3 -0.49 -4.84 18.26
C MET A 3 0.56 -4.98 17.18
N GLU A 4 1.14 -6.17 17.08
CA GLU A 4 2.18 -6.43 16.08
C GLU A 4 1.65 -6.19 14.67
N ARG A 5 0.50 -6.79 14.37
CA ARG A 5 -0.11 -6.64 13.06
C ARG A 5 -0.45 -5.18 12.78
N LEU A 6 -0.86 -4.46 13.81
CA LEU A 6 -1.21 -3.05 13.68
C LEU A 6 -0.01 -2.23 13.25
N ARG A 7 1.08 -2.33 14.01
CA ARG A 7 2.30 -1.59 13.71
C ARG A 7 2.88 -2.02 12.36
N ASP A 8 2.76 -3.32 12.06
CA ASP A 8 3.26 -3.84 10.79
C ASP A 8 2.46 -3.31 9.62
N VAL A 9 1.14 -3.51 9.65
CA VAL A 9 0.26 -3.05 8.59
C VAL A 9 0.31 -1.52 8.47
N ARG A 10 0.17 -0.85 9.59
CA ARG A 10 0.19 0.61 9.62
C ARG A 10 1.49 1.15 9.02
N GLU A 11 2.61 0.66 9.53
CA GLU A 11 3.91 1.09 9.05
C GLU A 11 4.11 0.71 7.58
N ARG A 12 3.64 -0.48 7.22
CA ARG A 12 3.76 -0.97 5.85
C ARG A 12 2.94 -0.10 4.90
N LEU A 13 1.77 0.33 5.36
CA LEU A 13 0.89 1.16 4.54
C LEU A 13 1.49 2.55 4.34
N GLN A 14 1.67 3.28 5.44
CA GLN A 14 2.22 4.62 5.39
C GLN A 14 3.52 4.64 4.58
N ALA A 15 4.42 3.71 4.89
CA ALA A 15 5.69 3.61 4.19
C ALA A 15 5.49 3.31 2.71
N TRP A 16 4.60 2.37 2.42
CA TRP A 16 4.32 1.98 1.05
C TRP A 16 3.98 3.20 0.20
N GLU A 17 2.82 3.80 0.47
CA GLU A 17 2.38 4.97 -0.27
C GLU A 17 3.43 6.07 -0.22
N ARG A 18 4.11 6.18 0.92
CA ARG A 18 5.14 7.20 1.11
C ARG A 18 6.17 7.14 -0.02
N ALA A 19 7.00 6.10 0.00
CA ALA A 19 8.03 5.93 -1.02
C ALA A 19 7.41 5.71 -2.40
N PHE A 20 6.28 5.01 -2.43
CA PHE A 20 5.58 4.73 -3.68
C PHE A 20 5.36 6.02 -4.47
N ARG A 21 4.45 6.85 -3.98
CA ARG A 21 4.13 8.12 -4.64
C ARG A 21 5.37 9.00 -4.75
N ARG A 22 6.39 8.68 -3.94
CA ARG A 22 7.63 9.45 -3.94
C ARG A 22 8.37 9.26 -5.27
N GLN A 23 8.48 8.02 -5.72
CA GLN A 23 9.17 7.72 -6.97
C GLN A 23 8.18 7.62 -8.12
N ARG A 24 7.06 6.93 -7.88
CA ARG A 24 6.04 6.76 -8.90
C ARG A 24 5.32 8.07 -9.18
N GLY A 25 4.74 8.65 -8.14
CA GLY A 25 4.02 9.91 -8.29
C GLY A 25 2.76 9.76 -9.11
N ARG A 26 2.11 8.61 -8.99
CA ARG A 26 0.88 8.34 -9.73
C ARG A 26 0.39 6.91 -9.47
N ARG A 27 -0.67 6.53 -10.15
CA ARG A 27 -1.25 5.20 -10.00
C ARG A 27 -0.16 4.12 -10.10
N PRO A 28 -0.34 3.03 -9.35
CA PRO A 28 0.61 1.91 -9.33
C PRO A 28 0.60 1.13 -10.65
N SER A 29 1.48 0.14 -10.74
CA SER A 29 1.58 -0.68 -11.94
C SER A 29 1.65 -2.16 -11.59
N GLN A 30 1.16 -3.01 -12.49
CA GLN A 30 1.17 -4.45 -12.26
C GLN A 30 2.56 -4.94 -11.86
N ASP A 31 3.58 -4.21 -12.32
CA ASP A 31 4.96 -4.56 -12.00
C ASP A 31 5.26 -4.32 -10.52
N ASP A 32 4.87 -3.15 -10.03
CA ASP A 32 5.10 -2.80 -8.63
C ASP A 32 4.20 -3.62 -7.71
N VAL A 33 3.07 -4.07 -8.24
CA VAL A 33 2.13 -4.87 -7.47
C VAL A 33 2.56 -6.33 -7.41
N GLU A 34 3.20 -6.79 -8.48
CA GLU A 34 3.67 -8.17 -8.55
C GLU A 34 4.94 -8.36 -7.73
N ALA A 35 5.58 -7.24 -7.36
CA ALA A 35 6.80 -7.28 -6.57
C ALA A 35 6.52 -7.69 -5.13
N ALA A 36 5.38 -7.24 -4.60
CA ALA A 36 5.00 -7.57 -3.24
C ALA A 36 4.26 -8.91 -3.17
N PRO A 37 4.23 -9.50 -1.98
CA PRO A 37 3.56 -10.79 -1.75
C PRO A 37 2.04 -10.68 -1.86
N GLU A 38 1.35 -11.78 -1.57
CA GLU A 38 -0.11 -11.81 -1.64
C GLU A 38 -0.72 -10.87 -0.60
N GLU A 39 -0.49 -11.17 0.67
CA GLU A 39 -1.02 -10.35 1.75
C GLU A 39 -0.75 -8.88 1.50
N THR A 40 0.51 -8.53 1.26
CA THR A 40 0.90 -7.15 1.00
C THR A 40 0.15 -6.59 -0.20
N ARG A 41 0.02 -7.40 -1.24
CA ARG A 41 -0.67 -6.97 -2.46
C ARG A 41 -2.09 -6.54 -2.14
N ALA A 42 -2.76 -7.30 -1.28
CA ALA A 42 -4.13 -6.99 -0.89
C ALA A 42 -4.20 -5.69 -0.10
N LEU A 43 -3.33 -5.56 0.89
CA LEU A 43 -3.30 -4.35 1.72
C LEU A 43 -2.97 -3.12 0.88
N TYR A 44 -1.90 -3.22 0.09
CA TYR A 44 -1.48 -2.11 -0.76
C TYR A 44 -2.61 -1.69 -1.71
N ARG A 45 -3.12 -2.66 -2.46
CA ARG A 45 -4.19 -2.39 -3.41
C ARG A 45 -5.46 -1.95 -2.69
N GLU A 46 -5.59 -2.35 -1.43
CA GLU A 46 -6.76 -1.99 -0.62
C GLU A 46 -6.78 -0.50 -0.35
N TYR A 47 -5.76 0.00 0.33
CA TYR A 47 -5.66 1.42 0.66
C TYR A 47 -5.45 2.26 -0.60
N ARG A 48 -4.85 1.65 -1.61
CA ARG A 48 -4.57 2.33 -2.87
C ARG A 48 -5.86 2.54 -3.66
N THR A 49 -6.72 1.51 -3.68
CA THR A 49 -7.97 1.59 -4.41
C THR A 49 -8.97 2.48 -3.68
N LEU A 50 -8.99 2.40 -2.35
CA LEU A 50 -9.89 3.20 -1.54
C LEU A 50 -9.49 4.66 -1.55
N LYS A 51 -8.18 4.91 -1.49
CA LYS A 51 -7.65 6.27 -1.50
C LYS A 51 -7.78 6.89 -2.88
N ARG A 52 -7.51 6.10 -3.91
CA ARG A 52 -7.60 6.57 -5.29
C ARG A 52 -9.04 6.90 -5.66
N THR A 53 -9.94 5.97 -5.36
CA THR A 53 -11.36 6.16 -5.67
C THR A 53 -11.96 7.27 -4.82
N THR A 54 -11.81 7.17 -3.51
CA THR A 54 -12.34 8.18 -2.60
C THR A 54 -11.65 9.51 -2.80
N GLY A 55 -10.44 9.48 -3.36
CA GLY A 55 -9.70 10.71 -3.60
C GLY A 55 -8.74 11.04 -2.47
N GLN A 56 -9.14 10.70 -1.24
CA GLN A 56 -8.31 10.96 -0.08
C GLN A 56 -7.64 9.68 0.42
N GLY A 1 -5.86 -4.50 21.60
CA GLY A 1 -6.12 -4.55 20.17
C GLY A 1 -4.95 -5.08 19.39
N SER A 2 -5.18 -5.43 18.12
CA SER A 2 -4.14 -5.96 17.26
C SER A 2 -2.96 -5.00 17.18
N MET A 3 -1.92 -5.30 17.94
CA MET A 3 -0.71 -4.46 17.96
C MET A 3 0.23 -4.86 16.82
N GLU A 4 0.70 -6.09 16.84
CA GLU A 4 1.62 -6.58 15.82
C GLU A 4 1.05 -6.33 14.43
N ARG A 5 -0.22 -6.67 14.24
CA ARG A 5 -0.88 -6.48 12.95
C ARG A 5 -0.92 -5.01 12.57
N LEU A 6 -1.42 -4.18 13.48
CA LEU A 6 -1.52 -2.75 13.25
C LEU A 6 -0.14 -2.15 12.91
N ARG A 7 0.89 -2.63 13.60
CA ARG A 7 2.25 -2.16 13.39
C ARG A 7 2.72 -2.49 11.98
N ASP A 8 2.58 -3.75 11.59
CA ASP A 8 2.98 -4.20 10.27
C ASP A 8 2.18 -3.51 9.19
N VAL A 9 0.86 -3.49 9.36
CA VAL A 9 -0.03 -2.86 8.40
C VAL A 9 0.26 -1.37 8.27
N ARG A 10 0.14 -0.65 9.38
CA ARG A 10 0.39 0.78 9.39
C ARG A 10 1.75 1.10 8.78
N GLU A 11 2.75 0.30 9.13
CA GLU A 11 4.10 0.50 8.62
C GLU A 11 4.16 0.23 7.12
N ARG A 12 3.48 -0.83 6.70
CA ARG A 12 3.45 -1.21 5.28
C ARG A 12 2.84 -0.10 4.43
N LEU A 13 1.70 0.42 4.87
CA LEU A 13 1.01 1.48 4.16
C LEU A 13 1.86 2.75 4.13
N GLN A 14 2.26 3.21 5.30
CA GLN A 14 3.08 4.42 5.42
C GLN A 14 4.30 4.33 4.50
N ALA A 15 5.18 3.37 4.78
CA ALA A 15 6.39 3.19 3.98
C ALA A 15 6.05 3.10 2.49
N TRP A 16 5.01 2.32 2.17
CA TRP A 16 4.60 2.15 0.78
C TRP A 16 4.41 3.50 0.10
N GLU A 17 3.32 4.19 0.44
CA GLU A 17 3.03 5.49 -0.15
C GLU A 17 4.25 6.41 -0.07
N ARG A 18 5.06 6.21 0.96
CA ARG A 18 6.26 7.02 1.16
C ARG A 18 7.18 6.93 -0.06
N ALA A 19 7.82 5.78 -0.22
CA ALA A 19 8.73 5.57 -1.34
C ALA A 19 7.98 5.51 -2.66
N PHE A 20 6.70 5.16 -2.59
CA PHE A 20 5.85 5.07 -3.78
C PHE A 20 5.73 6.43 -4.46
N ARG A 21 5.04 7.35 -3.80
CA ARG A 21 4.83 8.69 -4.33
C ARG A 21 6.16 9.45 -4.41
N ARG A 22 7.19 8.90 -3.77
CA ARG A 22 8.51 9.52 -3.77
C ARG A 22 9.20 9.31 -5.10
N GLN A 23 9.15 8.09 -5.61
CA GLN A 23 9.79 7.76 -6.89
C GLN A 23 8.78 7.82 -8.03
N ARG A 24 7.58 7.29 -7.78
CA ARG A 24 6.53 7.28 -8.79
C ARG A 24 5.72 8.57 -8.75
N GLY A 25 4.84 8.68 -7.75
CA GLY A 25 4.02 9.87 -7.62
C GLY A 25 2.76 9.80 -8.44
N ARG A 26 2.20 8.60 -8.57
CA ARG A 26 0.98 8.40 -9.34
C ARG A 26 0.60 6.92 -9.39
N ARG A 27 -0.62 6.64 -9.84
CA ARG A 27 -1.09 5.27 -9.94
C ARG A 27 -0.03 4.36 -10.54
N PRO A 28 0.42 3.37 -9.76
CA PRO A 28 1.44 2.41 -10.19
C PRO A 28 0.92 1.46 -11.26
N SER A 29 1.70 0.42 -11.56
CA SER A 29 1.33 -0.56 -12.57
C SER A 29 1.32 -1.96 -11.97
N GLN A 30 1.05 -2.96 -12.82
CA GLN A 30 1.01 -4.35 -12.39
C GLN A 30 2.40 -4.82 -11.96
N ASP A 31 3.42 -4.09 -12.38
CA ASP A 31 4.80 -4.43 -12.04
C ASP A 31 5.08 -4.17 -10.56
N ASP A 32 4.65 -3.01 -10.08
CA ASP A 32 4.85 -2.64 -8.69
C ASP A 32 3.84 -3.33 -7.79
N VAL A 33 2.66 -3.63 -8.34
CA VAL A 33 1.60 -4.28 -7.59
C VAL A 33 1.93 -5.75 -7.35
N GLU A 34 2.32 -6.45 -8.41
CA GLU A 34 2.66 -7.86 -8.31
C GLU A 34 4.05 -8.04 -7.69
N ALA A 35 4.73 -6.93 -7.45
CA ALA A 35 6.06 -6.96 -6.86
C ALA A 35 6.00 -7.29 -5.37
N ALA A 36 4.90 -6.88 -4.72
CA ALA A 36 4.72 -7.13 -3.31
C ALA A 36 4.11 -8.51 -3.07
N PRO A 37 4.25 -9.03 -1.84
CA PRO A 37 3.72 -10.33 -1.46
C PRO A 37 2.18 -10.34 -1.39
N GLU A 38 1.63 -11.47 -0.98
CA GLU A 38 0.18 -11.61 -0.87
C GLU A 38 -0.39 -10.65 0.18
N GLU A 39 0.03 -10.84 1.43
CA GLU A 39 -0.43 -9.99 2.51
C GLU A 39 -0.32 -8.51 2.15
N THR A 40 0.88 -8.08 1.80
CA THR A 40 1.13 -6.70 1.42
C THR A 40 0.22 -6.28 0.27
N ARG A 41 0.05 -7.17 -0.69
CA ARG A 41 -0.80 -6.89 -1.85
C ARG A 41 -2.22 -6.53 -1.41
N ALA A 42 -2.75 -7.30 -0.47
CA ALA A 42 -4.10 -7.06 0.03
C ALA A 42 -4.20 -5.70 0.71
N LEU A 43 -3.30 -5.43 1.65
CA LEU A 43 -3.30 -4.16 2.36
C LEU A 43 -3.07 -3.00 1.40
N TYR A 44 -2.10 -3.17 0.50
CA TYR A 44 -1.79 -2.14 -0.48
C TYR A 44 -2.97 -1.87 -1.41
N ARG A 45 -3.38 -2.90 -2.14
CA ARG A 45 -4.50 -2.77 -3.06
C ARG A 45 -5.76 -2.29 -2.34
N GLU A 46 -5.82 -2.53 -1.04
CA GLU A 46 -6.96 -2.11 -0.23
C GLU A 46 -6.98 -0.60 -0.06
N TYR A 47 -5.90 -0.05 0.47
CA TYR A 47 -5.79 1.38 0.69
C TYR A 47 -5.63 2.12 -0.65
N ARG A 48 -5.06 1.44 -1.62
CA ARG A 48 -4.86 2.03 -2.94
C ARG A 48 -6.17 2.13 -3.71
N THR A 49 -6.92 1.02 -3.73
CA THR A 49 -8.20 0.98 -4.44
C THR A 49 -9.24 1.85 -3.74
N LEU A 50 -9.19 1.87 -2.41
CA LEU A 50 -10.14 2.65 -1.62
C LEU A 50 -9.84 4.15 -1.74
N LYS A 51 -8.56 4.49 -1.67
CA LYS A 51 -8.14 5.89 -1.77
C LYS A 51 -8.36 6.41 -3.19
N ARG A 52 -8.07 5.56 -4.18
CA ARG A 52 -8.23 5.95 -5.57
C ARG A 52 -9.70 6.14 -5.92
N THR A 53 -10.52 5.13 -5.59
CA THR A 53 -11.95 5.20 -5.86
C THR A 53 -12.62 6.32 -5.08
N THR A 54 -12.40 6.31 -3.76
CA THR A 54 -12.98 7.33 -2.89
C THR A 54 -12.42 8.71 -3.21
N GLY A 55 -11.22 8.75 -3.78
CA GLY A 55 -10.59 10.01 -4.13
C GLY A 55 -10.05 10.74 -2.92
N GLN A 56 -9.84 10.01 -1.83
CA GLN A 56 -9.33 10.59 -0.60
C GLN A 56 -8.03 9.92 -0.18
N GLY A 1 -6.15 -7.20 21.18
CA GLY A 1 -6.40 -7.16 19.75
C GLY A 1 -5.16 -7.48 18.92
N SER A 2 -5.02 -6.84 17.78
CA SER A 2 -3.88 -7.06 16.91
C SER A 2 -2.82 -5.97 17.10
N MET A 3 -1.76 -6.32 17.82
CA MET A 3 -0.67 -5.37 18.08
C MET A 3 0.37 -5.43 16.98
N GLU A 4 1.09 -6.55 16.90
CA GLU A 4 2.12 -6.72 15.88
C GLU A 4 1.58 -6.42 14.49
N ARG A 5 0.36 -6.89 14.23
CA ARG A 5 -0.28 -6.69 12.94
C ARG A 5 -0.58 -5.20 12.71
N LEU A 6 -1.00 -4.53 13.77
CA LEU A 6 -1.33 -3.10 13.70
C LEU A 6 -0.10 -2.29 13.33
N ARG A 7 0.95 -2.41 14.14
CA ARG A 7 2.19 -1.68 13.90
C ARG A 7 2.81 -2.08 12.57
N ASP A 8 2.71 -3.36 12.23
CA ASP A 8 3.26 -3.87 10.98
C ASP A 8 2.53 -3.28 9.79
N VAL A 9 1.22 -3.50 9.73
CA VAL A 9 0.41 -2.98 8.63
C VAL A 9 0.46 -1.46 8.57
N ARG A 10 0.23 -0.82 9.70
CA ARG A 10 0.26 0.64 9.77
C ARG A 10 1.58 1.18 9.24
N GLU A 11 2.68 0.65 9.76
CA GLU A 11 4.01 1.09 9.33
C GLU A 11 4.24 0.77 7.86
N ARG A 12 3.81 -0.42 7.44
CA ARG A 12 3.98 -0.86 6.06
C ARG A 12 3.26 0.11 5.11
N LEU A 13 2.01 0.41 5.42
CA LEU A 13 1.21 1.31 4.59
C LEU A 13 1.82 2.70 4.55
N GLN A 14 2.19 3.21 5.72
CA GLN A 14 2.80 4.55 5.81
C GLN A 14 4.00 4.65 4.88
N ALA A 15 5.05 3.89 5.18
CA ALA A 15 6.25 3.91 4.36
C ALA A 15 5.94 3.62 2.90
N TRP A 16 5.04 2.67 2.67
CA TRP A 16 4.64 2.30 1.33
C TRP A 16 4.25 3.53 0.51
N GLU A 17 3.06 4.06 0.77
CA GLU A 17 2.57 5.24 0.07
C GLU A 17 3.55 6.40 0.20
N ARG A 18 4.26 6.44 1.32
CA ARG A 18 5.23 7.50 1.57
C ARG A 18 6.22 7.62 0.43
N ALA A 19 7.14 6.67 0.35
CA ALA A 19 8.16 6.67 -0.71
C ALA A 19 7.51 6.47 -2.08
N PHE A 20 6.44 5.68 -2.11
CA PHE A 20 5.74 5.41 -3.36
C PHE A 20 5.41 6.71 -4.10
N ARG A 21 4.56 7.53 -3.49
CA ARG A 21 4.16 8.79 -4.08
C ARG A 21 5.34 9.76 -4.14
N ARG A 22 6.42 9.40 -3.47
CA ARG A 22 7.63 10.23 -3.45
C ARG A 22 8.39 10.13 -4.77
N GLN A 23 8.58 8.91 -5.24
CA GLN A 23 9.30 8.68 -6.50
C GLN A 23 8.31 8.48 -7.65
N ARG A 24 7.27 7.69 -7.40
CA ARG A 24 6.26 7.42 -8.43
C ARG A 24 5.38 8.64 -8.66
N GLY A 25 4.49 8.92 -7.71
CA GLY A 25 3.60 10.05 -7.83
C GLY A 25 2.33 9.72 -8.58
N ARG A 26 1.90 8.46 -8.48
CA ARG A 26 0.69 8.01 -9.17
C ARG A 26 0.48 6.52 -8.96
N ARG A 27 -0.78 6.09 -8.98
CA ARG A 27 -1.13 4.69 -8.80
C ARG A 27 -0.19 3.80 -9.61
N PRO A 28 0.32 2.74 -8.97
CA PRO A 28 1.23 1.78 -9.60
C PRO A 28 0.53 0.93 -10.65
N SER A 29 1.23 -0.09 -11.15
CA SER A 29 0.67 -0.98 -12.15
C SER A 29 0.68 -2.42 -11.67
N GLN A 30 0.05 -3.31 -12.44
CA GLN A 30 -0.01 -4.71 -12.10
C GLN A 30 1.38 -5.32 -11.99
N ASP A 31 2.35 -4.66 -12.60
CA ASP A 31 3.74 -5.12 -12.58
C ASP A 31 4.37 -4.89 -11.21
N ASP A 32 4.23 -3.68 -10.70
CA ASP A 32 4.79 -3.33 -9.39
C ASP A 32 3.91 -3.88 -8.27
N VAL A 33 2.63 -4.06 -8.56
CA VAL A 33 1.68 -4.58 -7.57
C VAL A 33 1.83 -6.09 -7.41
N GLU A 34 2.04 -6.77 -8.53
CA GLU A 34 2.19 -8.23 -8.53
C GLU A 34 3.57 -8.62 -8.01
N ALA A 35 4.46 -7.64 -7.91
CA ALA A 35 5.81 -7.89 -7.43
C ALA A 35 5.83 -8.16 -5.93
N ALA A 36 4.80 -7.68 -5.24
CA ALA A 36 4.70 -7.87 -3.80
C ALA A 36 4.02 -9.19 -3.47
N PRO A 37 4.18 -9.64 -2.21
CA PRO A 37 3.60 -10.91 -1.75
C PRO A 37 2.08 -10.84 -1.63
N GLU A 38 1.47 -11.93 -1.18
CA GLU A 38 0.02 -11.99 -1.02
C GLU A 38 -0.46 -10.94 -0.04
N GLU A 39 -0.06 -11.08 1.22
CA GLU A 39 -0.45 -10.14 2.26
C GLU A 39 -0.28 -8.70 1.79
N THR A 40 0.95 -8.36 1.38
CA THR A 40 1.25 -7.02 0.92
C THR A 40 0.34 -6.62 -0.24
N ARG A 41 0.19 -7.52 -1.21
CA ARG A 41 -0.66 -7.26 -2.36
C ARG A 41 -2.04 -6.80 -1.94
N ALA A 42 -2.59 -7.45 -0.91
CA ALA A 42 -3.91 -7.10 -0.41
C ALA A 42 -3.91 -5.70 0.21
N LEU A 43 -2.99 -5.47 1.14
CA LEU A 43 -2.89 -4.18 1.80
C LEU A 43 -2.68 -3.06 0.79
N TYR A 44 -1.67 -3.23 -0.06
CA TYR A 44 -1.37 -2.23 -1.09
C TYR A 44 -2.59 -1.94 -1.95
N ARG A 45 -3.15 -2.99 -2.54
CA ARG A 45 -4.32 -2.84 -3.40
C ARG A 45 -5.48 -2.22 -2.63
N GLU A 46 -5.47 -2.39 -1.31
CA GLU A 46 -6.53 -1.85 -0.45
C GLU A 46 -6.44 -0.32 -0.41
N TYR A 47 -5.32 0.19 0.07
CA TYR A 47 -5.12 1.63 0.16
C TYR A 47 -5.00 2.27 -1.22
N ARG A 48 -4.57 1.47 -2.19
CA ARG A 48 -4.41 1.95 -3.55
C ARG A 48 -5.77 2.10 -4.24
N THR A 49 -6.62 1.09 -4.08
CA THR A 49 -7.95 1.11 -4.67
C THR A 49 -8.84 2.16 -4.02
N LEU A 50 -8.72 2.29 -2.70
CA LEU A 50 -9.51 3.26 -1.96
C LEU A 50 -9.04 4.68 -2.24
N LYS A 51 -7.73 4.88 -2.26
CA LYS A 51 -7.15 6.19 -2.53
C LYS A 51 -7.49 6.65 -3.94
N ARG A 52 -7.28 5.77 -4.92
CA ARG A 52 -7.57 6.09 -6.31
C ARG A 52 -9.05 6.35 -6.51
N THR A 53 -9.88 5.40 -6.09
CA THR A 53 -11.33 5.53 -6.23
C THR A 53 -11.82 6.86 -5.67
N THR A 54 -11.56 7.09 -4.39
CA THR A 54 -11.98 8.32 -3.73
C THR A 54 -11.25 9.52 -4.31
N GLY A 55 -10.11 9.27 -4.92
CA GLY A 55 -9.33 10.35 -5.51
C GLY A 55 -8.67 11.23 -4.47
N GLN A 56 -8.17 10.60 -3.41
CA GLN A 56 -7.50 11.33 -2.34
C GLN A 56 -6.20 11.96 -2.83
#